data_1G2C
#
_entry.id   1G2C
#
_cell.length_a   67.904
_cell.length_b   71.539
_cell.length_c   76.455
_cell.angle_alpha   81.34
_cell.angle_beta   73.80
_cell.angle_gamma   60.72
#
_symmetry.space_group_name_H-M   'P 1'
#
loop_
_entity.id
_entity.type
_entity.pdbx_description
1 polymer 'FUSION PROTEIN (F)'
2 polymer 'FUSION PROTEIN (F)'
3 water water
#
loop_
_entity_poly.entity_id
_entity_poly.type
_entity_poly.pdbx_seq_one_letter_code
_entity_poly.pdbx_strand_id
1 'polypeptide(L)' LHLEGEVNKIKSALLSTNKAVVSLSNGVSVLTSKVLDLKNYIDKQLLPIVNK A,C,E,G,I,K,M,O,Q,S,U,W
2 'polypeptide(L)' FYDPLVFPSDEFDASISQVNEKINQSLAFIRKSDELLHNVNAG B,D,F,H,J,L,N,P,R,T,V,X
#
# COMPACT_ATOMS: atom_id res chain seq x y z
N LEU A 3 -27.63 -18.04 -25.73
CA LEU A 3 -26.44 -18.71 -25.12
C LEU A 3 -25.34 -17.68 -24.86
N GLU A 4 -25.28 -16.66 -25.71
CA GLU A 4 -24.30 -15.62 -25.53
C GLU A 4 -24.72 -14.86 -24.27
N GLY A 5 -25.91 -14.28 -24.32
CA GLY A 5 -26.45 -13.54 -23.20
C GLY A 5 -26.62 -14.42 -21.97
N GLU A 6 -26.44 -15.73 -22.13
CA GLU A 6 -26.59 -16.67 -21.02
C GLU A 6 -25.23 -17.08 -20.48
N VAL A 7 -24.20 -16.92 -21.30
CA VAL A 7 -22.84 -17.25 -20.87
C VAL A 7 -22.37 -16.05 -20.06
N ASN A 8 -23.13 -14.95 -20.14
CA ASN A 8 -22.80 -13.74 -19.40
C ASN A 8 -23.58 -13.68 -18.10
N LYS A 9 -24.76 -14.27 -18.09
CA LYS A 9 -25.61 -14.29 -16.90
C LYS A 9 -24.88 -15.11 -15.86
N ILE A 10 -24.49 -16.31 -16.25
CA ILE A 10 -23.76 -17.21 -15.39
C ILE A 10 -22.51 -16.52 -14.86
N LYS A 11 -21.93 -15.65 -15.68
CA LYS A 11 -20.72 -14.93 -15.28
C LYS A 11 -21.05 -14.01 -14.12
N SER A 12 -22.15 -13.26 -14.24
CA SER A 12 -22.55 -12.34 -13.18
C SER A 12 -22.98 -13.09 -11.92
N ALA A 13 -23.48 -14.31 -12.09
CA ALA A 13 -23.92 -15.13 -10.97
C ALA A 13 -22.72 -15.66 -10.19
N LEU A 14 -21.72 -16.14 -10.91
CA LEU A 14 -20.52 -16.66 -10.29
C LEU A 14 -19.85 -15.52 -9.53
N LEU A 15 -19.81 -14.34 -10.13
CA LEU A 15 -19.21 -13.19 -9.49
C LEU A 15 -19.85 -12.90 -8.15
N SER A 16 -21.18 -13.08 -8.07
CA SER A 16 -21.93 -12.87 -6.84
C SER A 16 -21.63 -14.01 -5.86
N THR A 17 -21.44 -15.20 -6.40
CA THR A 17 -21.15 -16.36 -5.58
C THR A 17 -19.77 -16.22 -4.98
N ASN A 18 -18.84 -15.64 -5.73
CA ASN A 18 -17.49 -15.44 -5.23
C ASN A 18 -17.51 -14.44 -4.09
N LYS A 19 -18.32 -13.39 -4.23
CA LYS A 19 -18.41 -12.40 -3.18
C LYS A 19 -19.03 -13.03 -1.93
N ALA A 20 -19.90 -14.01 -2.13
CA ALA A 20 -20.57 -14.71 -1.05
C ALA A 20 -19.51 -15.46 -0.23
N VAL A 21 -18.54 -16.02 -0.93
CA VAL A 21 -17.47 -16.76 -0.28
C VAL A 21 -16.46 -15.84 0.42
N VAL A 22 -16.20 -14.67 -0.17
CA VAL A 22 -15.27 -13.72 0.42
C VAL A 22 -15.86 -13.27 1.75
N SER A 23 -17.14 -12.94 1.73
CA SER A 23 -17.86 -12.51 2.92
C SER A 23 -17.84 -13.55 4.04
N LEU A 24 -18.23 -14.78 3.72
CA LEU A 24 -18.27 -15.87 4.70
C LEU A 24 -16.88 -16.09 5.24
N SER A 25 -15.88 -15.98 4.37
CA SER A 25 -14.49 -16.16 4.78
C SER A 25 -14.08 -15.09 5.81
N ASN A 26 -14.48 -13.84 5.57
CA ASN A 26 -14.14 -12.77 6.52
C ASN A 26 -14.88 -13.01 7.83
N GLY A 27 -16.10 -13.54 7.74
CA GLY A 27 -16.88 -13.83 8.92
C GLY A 27 -16.22 -14.91 9.77
N VAL A 28 -15.67 -15.93 9.11
CA VAL A 28 -15.01 -17.02 9.80
C VAL A 28 -13.67 -16.56 10.39
N SER A 29 -13.02 -15.65 9.69
CA SER A 29 -11.73 -15.08 10.12
C SER A 29 -11.91 -14.38 11.48
N VAL A 30 -12.95 -13.58 11.60
CA VAL A 30 -13.24 -12.87 12.85
C VAL A 30 -13.66 -13.87 13.94
N LEU A 31 -14.43 -14.89 13.56
CA LEU A 31 -14.88 -15.89 14.51
C LEU A 31 -13.65 -16.61 15.07
N THR A 32 -12.72 -16.91 14.18
CA THR A 32 -11.50 -17.58 14.58
C THR A 32 -10.73 -16.76 15.63
N SER A 33 -10.60 -15.47 15.41
CA SER A 33 -9.88 -14.62 16.36
C SER A 33 -10.59 -14.53 17.70
N LYS A 34 -11.92 -14.64 17.70
CA LYS A 34 -12.65 -14.57 18.97
C LYS A 34 -12.43 -15.86 19.76
N VAL A 35 -12.42 -16.98 19.05
CA VAL A 35 -12.22 -18.27 19.67
C VAL A 35 -10.83 -18.27 20.31
N LEU A 36 -9.83 -17.77 19.59
CA LEU A 36 -8.49 -17.71 20.14
C LEU A 36 -8.56 -16.82 21.40
N ASP A 37 -9.33 -15.73 21.29
CA ASP A 37 -9.50 -14.82 22.43
C ASP A 37 -10.02 -15.55 23.66
N LEU A 38 -11.06 -16.35 23.48
CA LEU A 38 -11.63 -17.12 24.58
C LEU A 38 -10.53 -17.96 25.20
N LYS A 39 -9.88 -18.77 24.37
CA LYS A 39 -8.82 -19.64 24.86
C LYS A 39 -7.77 -18.85 25.66
N ASN A 40 -7.30 -17.73 25.13
CA ASN A 40 -6.29 -16.93 25.83
C ASN A 40 -6.80 -16.37 27.14
N TYR A 41 -8.09 -16.05 27.19
CA TYR A 41 -8.67 -15.53 28.43
C TYR A 41 -8.63 -16.58 29.52
N ILE A 42 -9.12 -17.79 29.20
CA ILE A 42 -9.13 -18.90 30.14
C ILE A 42 -7.71 -19.20 30.61
N ASP A 43 -6.81 -19.35 29.65
CA ASP A 43 -5.42 -19.66 29.89
C ASP A 43 -4.63 -18.60 30.67
N LYS A 44 -4.65 -17.36 30.19
CA LYS A 44 -3.91 -16.29 30.84
C LYS A 44 -4.60 -15.48 31.92
N GLN A 45 -5.92 -15.57 32.01
CA GLN A 45 -6.64 -14.79 33.02
C GLN A 45 -7.35 -15.63 34.08
N LEU A 46 -8.10 -16.64 33.63
CA LEU A 46 -8.88 -17.47 34.53
C LEU A 46 -8.09 -18.50 35.33
N LEU A 47 -7.34 -19.36 34.64
CA LEU A 47 -6.56 -20.40 35.30
C LEU A 47 -5.66 -19.94 36.44
N PRO A 48 -4.83 -18.91 36.21
CA PRO A 48 -3.93 -18.40 37.25
C PRO A 48 -4.62 -18.07 38.58
N ILE A 49 -5.87 -17.64 38.51
CA ILE A 49 -6.63 -17.32 39.71
C ILE A 49 -7.27 -18.60 40.24
N VAL A 50 -7.77 -19.42 39.32
CA VAL A 50 -8.38 -20.69 39.70
C VAL A 50 -7.30 -21.57 40.32
N ASN A 51 -6.08 -21.06 40.39
CA ASN A 51 -4.97 -21.85 40.92
C ASN A 51 -4.23 -21.40 42.18
N LYS A 52 -3.72 -20.17 42.21
CA LYS A 52 -2.99 -19.73 43.39
C LYS A 52 -3.90 -19.51 44.60
N PRO B 4 -11.43 -7.90 39.95
CA PRO B 4 -12.71 -8.19 39.29
C PRO B 4 -12.52 -8.73 37.86
N LEU B 5 -11.51 -9.58 37.67
CA LEU B 5 -11.23 -10.19 36.38
C LEU B 5 -11.77 -9.44 35.18
N VAL B 6 -13.12 -9.52 34.97
CA VAL B 6 -13.68 -8.78 33.87
C VAL B 6 -13.50 -9.41 32.49
N PHE B 7 -14.58 -9.88 31.90
CA PHE B 7 -14.52 -10.47 30.56
C PHE B 7 -14.70 -9.36 29.54
N PRO B 8 -13.83 -9.28 28.52
CA PRO B 8 -13.93 -8.25 27.49
C PRO B 8 -15.19 -8.50 26.65
N SER B 9 -16.35 -8.36 27.29
CA SER B 9 -17.69 -8.59 26.75
C SER B 9 -18.27 -7.70 25.66
N ASP B 10 -18.14 -6.40 25.84
CA ASP B 10 -18.66 -5.44 24.88
C ASP B 10 -17.99 -5.62 23.51
N GLU B 11 -16.69 -5.86 23.52
CA GLU B 11 -15.94 -6.06 22.29
C GLU B 11 -16.24 -7.43 21.69
N PHE B 12 -16.50 -8.41 22.57
CA PHE B 12 -16.78 -9.76 22.10
C PHE B 12 -18.10 -9.78 21.34
N ASP B 13 -19.10 -9.12 21.91
CA ASP B 13 -20.42 -9.05 21.30
C ASP B 13 -20.37 -8.27 19.98
N ALA B 14 -19.51 -7.26 19.92
CA ALA B 14 -19.36 -6.47 18.70
C ALA B 14 -18.84 -7.37 17.57
N SER B 15 -17.79 -8.12 17.85
CA SER B 15 -17.22 -9.04 16.87
C SER B 15 -18.22 -10.10 16.42
N ILE B 16 -18.94 -10.68 17.37
CA ILE B 16 -19.93 -11.70 17.06
C ILE B 16 -21.03 -11.13 16.16
N SER B 17 -21.35 -9.86 16.38
CA SER B 17 -22.37 -9.19 15.60
C SER B 17 -21.82 -8.96 14.17
N GLN B 18 -20.50 -8.80 14.08
CA GLN B 18 -19.85 -8.58 12.80
C GLN B 18 -19.84 -9.89 12.02
N VAL B 19 -19.69 -11.02 12.75
CA VAL B 19 -19.68 -12.33 12.13
C VAL B 19 -21.04 -12.62 11.50
N ASN B 20 -22.10 -12.41 12.27
CA ASN B 20 -23.46 -12.64 11.78
C ASN B 20 -23.83 -11.69 10.65
N GLU B 21 -23.33 -10.45 10.68
CA GLU B 21 -23.60 -9.50 9.61
C GLU B 21 -22.96 -9.98 8.31
N LYS B 22 -21.84 -10.68 8.42
CA LYS B 22 -21.13 -11.20 7.27
C LYS B 22 -21.79 -12.45 6.73
N ILE B 23 -22.43 -13.23 7.61
CA ILE B 23 -23.10 -14.44 7.18
C ILE B 23 -24.28 -13.99 6.34
N ASN B 24 -24.97 -12.96 6.81
CA ASN B 24 -26.13 -12.45 6.09
C ASN B 24 -25.72 -11.92 4.71
N GLN B 25 -24.72 -11.04 4.65
CA GLN B 25 -24.27 -10.50 3.35
C GLN B 25 -23.88 -11.65 2.41
N SER B 26 -23.33 -12.72 2.98
CA SER B 26 -22.95 -13.88 2.18
C SER B 26 -24.20 -14.47 1.52
N LEU B 27 -25.23 -14.68 2.31
CA LEU B 27 -26.48 -15.24 1.83
C LEU B 27 -27.24 -14.29 0.91
N ALA B 28 -26.98 -12.99 1.05
CA ALA B 28 -27.64 -12.01 0.19
C ALA B 28 -26.98 -12.10 -1.20
N PHE B 29 -25.68 -12.37 -1.21
CA PHE B 29 -24.95 -12.51 -2.46
C PHE B 29 -25.38 -13.80 -3.17
N ILE B 30 -25.56 -14.87 -2.41
CA ILE B 30 -25.99 -16.15 -2.97
C ILE B 30 -27.41 -16.03 -3.52
N ARG B 31 -28.27 -15.30 -2.82
CA ARG B 31 -29.65 -15.09 -3.25
C ARG B 31 -29.63 -14.45 -4.65
N LYS B 32 -28.76 -13.46 -4.82
CA LYS B 32 -28.65 -12.75 -6.08
C LYS B 32 -28.12 -13.67 -7.17
N SER B 33 -27.14 -14.48 -6.83
CA SER B 33 -26.61 -15.42 -7.81
C SER B 33 -27.73 -16.37 -8.27
N ASP B 34 -28.50 -16.89 -7.31
CA ASP B 34 -29.59 -17.80 -7.66
C ASP B 34 -30.61 -17.07 -8.54
N GLU B 35 -31.03 -15.88 -8.10
CA GLU B 35 -32.00 -15.08 -8.85
C GLU B 35 -31.62 -14.95 -10.32
N LEU B 36 -30.33 -14.74 -10.59
CA LEU B 36 -29.85 -14.61 -11.95
C LEU B 36 -29.83 -15.95 -12.67
N LEU B 37 -29.45 -17.01 -11.96
CA LEU B 37 -29.40 -18.32 -12.57
C LEU B 37 -30.78 -18.86 -12.93
N HIS B 38 -31.81 -18.46 -12.19
CA HIS B 38 -33.17 -18.92 -12.49
C HIS B 38 -33.71 -18.00 -13.59
N ASN B 39 -32.85 -17.12 -14.08
CA ASN B 39 -33.22 -16.17 -15.12
C ASN B 39 -32.57 -16.53 -16.46
N VAL B 40 -31.65 -17.48 -16.43
CA VAL B 40 -30.96 -17.89 -17.65
C VAL B 40 -31.82 -18.62 -18.67
N ASN B 41 -32.57 -19.65 -18.25
CA ASN B 41 -33.42 -20.39 -19.19
C ASN B 41 -34.58 -21.16 -18.53
N ALA B 42 -34.39 -22.46 -18.28
CA ALA B 42 -35.43 -23.29 -17.67
C ALA B 42 -34.89 -24.26 -16.62
N GLY B 43 -35.61 -25.36 -16.37
CA GLY B 43 -35.18 -26.34 -15.39
C GLY B 43 -34.23 -27.44 -15.82
N LEU C 3 -17.16 -18.12 -27.78
CA LEU C 3 -18.09 -18.64 -26.75
C LEU C 3 -17.53 -19.92 -26.14
N GLU C 4 -16.73 -20.64 -26.92
CA GLU C 4 -16.10 -21.86 -26.45
C GLU C 4 -15.36 -21.52 -25.17
N GLY C 5 -14.24 -20.81 -25.31
CA GLY C 5 -13.43 -20.41 -24.16
C GLY C 5 -14.20 -19.59 -23.15
N GLU C 6 -15.15 -18.77 -23.62
CA GLU C 6 -15.95 -17.96 -22.70
C GLU C 6 -16.50 -18.93 -21.66
N VAL C 7 -17.06 -20.03 -22.14
CA VAL C 7 -17.63 -21.06 -21.29
C VAL C 7 -16.51 -21.87 -20.64
N ASN C 8 -15.37 -21.94 -21.32
CA ASN C 8 -14.24 -22.70 -20.79
C ASN C 8 -13.46 -21.91 -19.71
N LYS C 9 -13.67 -20.60 -19.68
CA LYS C 9 -13.04 -19.74 -18.66
C LYS C 9 -13.87 -19.90 -17.39
N ILE C 10 -15.18 -19.73 -17.56
CA ILE C 10 -16.15 -19.85 -16.49
C ILE C 10 -16.05 -21.18 -15.76
N LYS C 11 -15.82 -22.25 -16.52
CA LYS C 11 -15.70 -23.58 -15.95
C LYS C 11 -14.47 -23.66 -15.06
N SER C 12 -13.39 -23.01 -15.49
CA SER C 12 -12.15 -23.00 -14.74
C SER C 12 -12.29 -22.16 -13.49
N ALA C 13 -13.03 -21.06 -13.59
CA ALA C 13 -13.24 -20.20 -12.43
C ALA C 13 -14.02 -20.99 -11.40
N LEU C 14 -15.17 -21.52 -11.83
CA LEU C 14 -16.05 -22.29 -10.95
C LEU C 14 -15.27 -23.40 -10.27
N LEU C 15 -14.28 -23.95 -10.96
CA LEU C 15 -13.47 -25.00 -10.36
C LEU C 15 -12.61 -24.46 -9.23
N SER C 16 -12.16 -23.20 -9.36
CA SER C 16 -11.35 -22.57 -8.31
C SER C 16 -12.29 -22.20 -7.17
N THR C 17 -13.45 -21.66 -7.51
CA THR C 17 -14.42 -21.29 -6.50
C THR C 17 -14.76 -22.51 -5.63
N ASN C 18 -15.02 -23.66 -6.26
CA ASN C 18 -15.34 -24.90 -5.55
C ASN C 18 -14.21 -25.24 -4.60
N LYS C 19 -12.97 -25.07 -5.05
CA LYS C 19 -11.81 -25.37 -4.21
C LYS C 19 -11.77 -24.36 -3.05
N ALA C 20 -12.33 -23.17 -3.28
CA ALA C 20 -12.36 -22.15 -2.26
C ALA C 20 -13.30 -22.58 -1.14
N VAL C 21 -14.49 -23.06 -1.53
CA VAL C 21 -15.49 -23.52 -0.58
C VAL C 21 -15.03 -24.73 0.21
N VAL C 22 -14.27 -25.61 -0.44
CA VAL C 22 -13.77 -26.80 0.24
C VAL C 22 -12.72 -26.37 1.25
N SER C 23 -11.89 -25.42 0.86
CA SER C 23 -10.84 -24.92 1.73
C SER C 23 -11.45 -24.27 2.98
N LEU C 24 -12.50 -23.49 2.79
CA LEU C 24 -13.17 -22.83 3.90
C LEU C 24 -13.87 -23.83 4.80
N SER C 25 -14.50 -24.83 4.19
CA SER C 25 -15.20 -25.87 4.95
C SER C 25 -14.22 -26.61 5.86
N ASN C 26 -13.05 -26.96 5.31
CA ASN C 26 -12.03 -27.65 6.09
C ASN C 26 -11.62 -26.79 7.28
N GLY C 27 -11.46 -25.49 7.04
CA GLY C 27 -11.08 -24.58 8.10
C GLY C 27 -12.14 -24.49 9.18
N VAL C 28 -13.41 -24.43 8.78
CA VAL C 28 -14.50 -24.35 9.74
C VAL C 28 -14.57 -25.68 10.49
N SER C 29 -14.27 -26.77 9.80
CA SER C 29 -14.28 -28.09 10.46
C SER C 29 -13.28 -28.13 11.62
N VAL C 30 -12.07 -27.63 11.36
CA VAL C 30 -11.04 -27.60 12.39
C VAL C 30 -11.43 -26.66 13.53
N LEU C 31 -11.97 -25.50 13.18
CA LEU C 31 -12.37 -24.50 14.16
C LEU C 31 -13.45 -25.05 15.08
N THR C 32 -14.32 -25.87 14.51
CA THR C 32 -15.42 -26.51 15.22
C THR C 32 -14.91 -27.50 16.27
N SER C 33 -13.83 -28.21 15.95
CA SER C 33 -13.29 -29.18 16.90
C SER C 33 -12.59 -28.46 18.05
N LYS C 34 -11.99 -27.30 17.78
CA LYS C 34 -11.31 -26.53 18.81
C LYS C 34 -12.32 -25.86 19.72
N VAL C 35 -13.50 -25.53 19.20
CA VAL C 35 -14.51 -24.91 20.02
C VAL C 35 -15.08 -26.00 20.91
N LEU C 36 -15.15 -27.22 20.39
CA LEU C 36 -15.63 -28.34 21.17
C LEU C 36 -14.62 -28.57 22.29
N ASP C 37 -13.33 -28.57 21.93
CA ASP C 37 -12.24 -28.75 22.90
C ASP C 37 -12.34 -27.75 24.05
N LEU C 38 -12.65 -26.50 23.73
CA LEU C 38 -12.79 -25.47 24.76
C LEU C 38 -13.93 -25.80 25.70
N LYS C 39 -15.05 -26.26 25.13
CA LYS C 39 -16.20 -26.60 25.95
C LYS C 39 -15.89 -27.79 26.86
N ASN C 40 -15.20 -28.79 26.34
CA ASN C 40 -14.84 -29.97 27.12
C ASN C 40 -13.81 -29.63 28.20
N TYR C 41 -12.97 -28.63 27.95
CA TYR C 41 -11.98 -28.23 28.94
C TYR C 41 -12.70 -27.55 30.09
N ILE C 42 -13.62 -26.64 29.75
CA ILE C 42 -14.39 -25.93 30.76
C ILE C 42 -15.25 -26.89 31.59
N ASP C 43 -15.82 -27.89 30.93
CA ASP C 43 -16.69 -28.85 31.58
C ASP C 43 -15.95 -29.91 32.40
N LYS C 44 -15.02 -30.62 31.77
CA LYS C 44 -14.27 -31.69 32.42
C LYS C 44 -13.13 -31.26 33.35
N GLN C 45 -12.38 -30.23 32.98
CA GLN C 45 -11.23 -29.79 33.76
C GLN C 45 -11.43 -28.58 34.69
N LEU C 46 -12.04 -27.52 34.16
CA LEU C 46 -12.22 -26.32 34.94
C LEU C 46 -13.30 -26.34 36.01
N LEU C 47 -14.52 -26.74 35.63
CA LEU C 47 -15.64 -26.76 36.57
C LEU C 47 -15.40 -27.59 37.84
N PRO C 48 -14.98 -28.86 37.69
CA PRO C 48 -14.76 -29.66 38.89
C PRO C 48 -13.91 -29.03 39.98
N ILE C 49 -13.05 -28.08 39.60
CA ILE C 49 -12.16 -27.39 40.56
C ILE C 49 -12.70 -26.07 41.12
N VAL C 50 -13.57 -25.47 40.36
CA VAL C 50 -14.17 -24.19 40.83
C VAL C 50 -15.23 -24.55 41.97
N PRO D 4 -1.99 -27.52 39.70
CA PRO D 4 -1.96 -26.60 38.54
C PRO D 4 -2.51 -27.23 37.26
N LEU D 5 -3.48 -26.57 36.64
CA LEU D 5 -4.03 -27.07 35.39
C LEU D 5 -3.16 -26.50 34.28
N VAL D 6 -2.96 -27.28 33.22
CA VAL D 6 -2.14 -26.83 32.11
C VAL D 6 -2.90 -26.92 30.80
N PHE D 7 -3.34 -25.77 30.30
CA PHE D 7 -4.07 -25.70 29.06
C PHE D 7 -3.19 -26.13 27.90
N PRO D 8 -3.70 -26.97 26.98
CA PRO D 8 -2.95 -27.45 25.81
C PRO D 8 -2.78 -26.33 24.76
N SER D 9 -2.33 -25.17 25.23
CA SER D 9 -2.17 -23.93 24.44
C SER D 9 -1.13 -23.82 23.31
N ASP D 10 -0.43 -24.90 23.01
CA ASP D 10 0.57 -24.89 21.92
C ASP D 10 -0.03 -25.63 20.73
N GLU D 11 -0.71 -26.74 20.97
CA GLU D 11 -1.35 -27.44 19.85
C GLU D 11 -2.56 -26.63 19.43
N PHE D 12 -3.13 -25.89 20.39
CA PHE D 12 -4.30 -25.06 20.14
C PHE D 12 -3.93 -23.92 19.20
N ASP D 13 -2.78 -23.29 19.44
CA ASP D 13 -2.34 -22.19 18.58
C ASP D 13 -2.09 -22.73 17.20
N ALA D 14 -1.41 -23.87 17.13
CA ALA D 14 -1.09 -24.50 15.87
C ALA D 14 -2.34 -24.83 15.07
N SER D 15 -3.41 -25.25 15.74
CA SER D 15 -4.66 -25.56 15.05
C SER D 15 -5.30 -24.29 14.54
N ILE D 16 -5.33 -23.26 15.38
CA ILE D 16 -5.91 -21.98 14.97
C ILE D 16 -5.10 -21.43 13.79
N SER D 17 -3.78 -21.67 13.80
CA SER D 17 -2.94 -21.21 12.71
C SER D 17 -3.31 -21.93 11.39
N GLN D 18 -3.63 -23.23 11.46
CA GLN D 18 -4.00 -23.92 10.23
C GLN D 18 -5.38 -23.47 9.74
N VAL D 19 -6.25 -23.06 10.67
CA VAL D 19 -7.57 -22.56 10.27
C VAL D 19 -7.41 -21.28 9.43
N ASN D 20 -6.51 -20.39 9.83
CA ASN D 20 -6.28 -19.14 9.11
C ASN D 20 -5.66 -19.39 7.74
N GLU D 21 -4.83 -20.43 7.66
CA GLU D 21 -4.18 -20.81 6.42
C GLU D 21 -5.25 -21.25 5.42
N LYS D 22 -6.25 -21.97 5.90
CA LYS D 22 -7.33 -22.44 5.04
C LYS D 22 -8.26 -21.31 4.64
N ILE D 23 -8.44 -20.36 5.54
CA ILE D 23 -9.27 -19.21 5.24
C ILE D 23 -8.54 -18.43 4.15
N ASN D 24 -7.21 -18.39 4.27
CA ASN D 24 -6.37 -17.70 3.31
C ASN D 24 -6.42 -18.41 1.95
N GLN D 25 -6.21 -19.74 1.95
CA GLN D 25 -6.29 -20.51 0.71
C GLN D 25 -7.64 -20.23 0.04
N SER D 26 -8.70 -20.25 0.82
CA SER D 26 -10.03 -19.99 0.31
C SER D 26 -10.07 -18.68 -0.48
N LEU D 27 -9.52 -17.62 0.12
CA LEU D 27 -9.49 -16.30 -0.51
C LEU D 27 -8.63 -16.28 -1.76
N ALA D 28 -7.50 -16.97 -1.70
CA ALA D 28 -6.62 -17.04 -2.86
C ALA D 28 -7.36 -17.71 -4.04
N PHE D 29 -8.12 -18.77 -3.77
CA PHE D 29 -8.85 -19.47 -4.83
C PHE D 29 -9.91 -18.57 -5.45
N ILE D 30 -10.60 -17.78 -4.63
CA ILE D 30 -11.61 -16.90 -5.16
C ILE D 30 -10.95 -15.80 -5.96
N ARG D 31 -9.71 -15.47 -5.59
CA ARG D 31 -8.97 -14.43 -6.29
C ARG D 31 -8.66 -14.92 -7.70
N LYS D 32 -8.24 -16.19 -7.82
CA LYS D 32 -7.93 -16.77 -9.12
C LYS D 32 -9.21 -16.93 -9.96
N SER D 33 -10.33 -17.17 -9.30
CA SER D 33 -11.61 -17.31 -9.99
C SER D 33 -12.04 -15.96 -10.56
N ASP D 34 -11.97 -14.91 -9.76
CA ASP D 34 -12.36 -13.58 -10.24
C ASP D 34 -11.41 -13.12 -11.35
N GLU D 35 -10.16 -13.57 -11.29
CA GLU D 35 -9.20 -13.18 -12.30
C GLU D 35 -9.64 -13.69 -13.68
N LEU D 36 -9.83 -15.00 -13.78
CA LEU D 36 -10.28 -15.63 -15.02
C LEU D 36 -11.55 -14.93 -15.52
N LEU D 37 -12.51 -14.75 -14.63
CA LEU D 37 -13.76 -14.11 -15.00
C LEU D 37 -13.54 -12.70 -15.54
N HIS D 38 -12.57 -11.97 -15.01
CA HIS D 38 -12.28 -10.61 -15.48
C HIS D 38 -11.47 -10.64 -16.78
N ASN D 39 -10.96 -11.81 -17.11
CA ASN D 39 -10.13 -12.01 -18.29
C ASN D 39 -10.91 -12.50 -19.52
N LEU E 3 -22.87 -27.18 -26.60
CA LEU E 3 -22.64 -25.89 -25.89
C LEU E 3 -23.87 -25.58 -25.03
N GLU E 4 -25.05 -25.91 -25.52
CA GLU E 4 -26.26 -25.67 -24.74
C GLU E 4 -26.01 -26.49 -23.49
N GLY E 5 -25.44 -27.68 -23.69
CA GLY E 5 -25.16 -28.58 -22.59
C GLY E 5 -23.95 -28.27 -21.74
N GLU E 6 -22.82 -27.94 -22.36
CA GLU E 6 -21.62 -27.66 -21.56
C GLU E 6 -21.87 -26.56 -20.55
N VAL E 7 -22.72 -25.60 -20.89
CA VAL E 7 -23.04 -24.53 -19.96
C VAL E 7 -24.14 -25.04 -19.05
N ASN E 8 -25.02 -25.84 -19.64
CA ASN E 8 -26.15 -26.42 -18.92
C ASN E 8 -25.63 -27.04 -17.63
N LYS E 9 -24.57 -27.83 -17.74
CA LYS E 9 -23.97 -28.45 -16.58
C LYS E 9 -23.46 -27.35 -15.65
N ILE E 10 -22.82 -26.34 -16.24
CA ILE E 10 -22.28 -25.23 -15.49
C ILE E 10 -23.35 -24.51 -14.67
N LYS E 11 -24.51 -24.27 -15.28
CA LYS E 11 -25.59 -23.61 -14.58
C LYS E 11 -26.03 -24.45 -13.37
N SER E 12 -26.19 -25.75 -13.60
CA SER E 12 -26.60 -26.65 -12.55
C SER E 12 -25.46 -26.83 -11.56
N ALA E 13 -24.23 -26.71 -12.05
CA ALA E 13 -23.06 -26.84 -11.19
C ALA E 13 -22.97 -25.67 -10.23
N LEU E 14 -23.26 -24.46 -10.75
CA LEU E 14 -23.21 -23.26 -9.93
C LEU E 14 -24.35 -23.29 -8.91
N LEU E 15 -25.44 -23.95 -9.27
CA LEU E 15 -26.59 -24.05 -8.39
C LEU E 15 -26.21 -24.87 -7.16
N SER E 16 -25.50 -25.96 -7.40
CA SER E 16 -25.07 -26.85 -6.33
C SER E 16 -24.00 -26.15 -5.48
N THR E 17 -23.16 -25.33 -6.11
CA THR E 17 -22.12 -24.61 -5.41
C THR E 17 -22.79 -23.60 -4.49
N ASN E 18 -23.93 -23.06 -4.93
CA ASN E 18 -24.64 -22.08 -4.13
C ASN E 18 -25.27 -22.69 -2.90
N LYS E 19 -25.73 -23.94 -3.02
CA LYS E 19 -26.34 -24.65 -1.91
C LYS E 19 -25.26 -25.02 -0.89
N ALA E 20 -24.05 -25.25 -1.40
CA ALA E 20 -22.93 -25.60 -0.54
C ALA E 20 -22.64 -24.44 0.40
N VAL E 21 -22.65 -23.23 -0.16
CA VAL E 21 -22.40 -22.03 0.61
C VAL E 21 -23.53 -21.76 1.61
N VAL E 22 -24.76 -22.06 1.23
CA VAL E 22 -25.88 -21.86 2.15
C VAL E 22 -25.72 -22.85 3.30
N SER E 23 -25.28 -24.07 3.00
CA SER E 23 -25.06 -25.08 4.03
C SER E 23 -23.91 -24.69 4.96
N LEU E 24 -22.78 -24.27 4.41
CA LEU E 24 -21.66 -23.88 5.23
C LEU E 24 -22.05 -22.66 6.08
N SER E 25 -22.86 -21.76 5.51
CA SER E 25 -23.32 -20.60 6.25
C SER E 25 -24.16 -21.00 7.46
N ASN E 26 -25.09 -21.93 7.28
CA ASN E 26 -25.92 -22.41 8.39
C ASN E 26 -25.02 -23.06 9.43
N GLY E 27 -23.93 -23.67 8.97
CA GLY E 27 -23.00 -24.30 9.87
C GLY E 27 -22.31 -23.24 10.72
N VAL E 28 -21.75 -22.25 10.04
CA VAL E 28 -21.03 -21.17 10.68
C VAL E 28 -21.95 -20.37 11.59
N SER E 29 -23.22 -20.30 11.23
CA SER E 29 -24.20 -19.58 12.04
C SER E 29 -24.42 -20.27 13.38
N VAL E 30 -24.56 -21.60 13.36
CA VAL E 30 -24.75 -22.32 14.61
C VAL E 30 -23.48 -22.26 15.46
N LEU E 31 -22.33 -22.45 14.82
CA LEU E 31 -21.05 -22.41 15.53
C LEU E 31 -20.88 -21.07 16.24
N THR E 32 -21.33 -20.01 15.59
CA THR E 32 -21.22 -18.67 16.13
C THR E 32 -22.06 -18.56 17.40
N SER E 33 -23.26 -19.15 17.40
CA SER E 33 -24.10 -19.08 18.59
C SER E 33 -23.46 -19.83 19.76
N LYS E 34 -22.78 -20.94 19.46
CA LYS E 34 -22.11 -21.72 20.50
C LYS E 34 -20.92 -20.94 21.10
N VAL E 35 -20.12 -20.31 20.25
CA VAL E 35 -18.99 -19.52 20.75
C VAL E 35 -19.56 -18.44 21.65
N LEU E 36 -20.68 -17.86 21.24
CA LEU E 36 -21.31 -16.83 22.05
C LEU E 36 -21.77 -17.46 23.37
N ASP E 37 -22.29 -18.69 23.32
CA ASP E 37 -22.72 -19.37 24.55
C ASP E 37 -21.55 -19.53 25.51
N LEU E 38 -20.42 -20.01 25.02
CA LEU E 38 -19.24 -20.17 25.87
C LEU E 38 -18.87 -18.87 26.56
N LYS E 39 -18.71 -17.81 25.77
CA LYS E 39 -18.36 -16.50 26.29
C LYS E 39 -19.38 -16.06 27.33
N ASN E 40 -20.65 -16.34 27.11
CA ASN E 40 -21.66 -15.93 28.09
C ASN E 40 -21.59 -16.81 29.35
N TYR E 41 -21.21 -18.08 29.16
CA TYR E 41 -21.10 -18.99 30.28
C TYR E 41 -19.97 -18.54 31.21
N ILE E 42 -18.82 -18.23 30.62
CA ILE E 42 -17.65 -17.76 31.36
C ILE E 42 -17.92 -16.44 32.09
N ASP E 43 -18.60 -15.53 31.41
CA ASP E 43 -18.90 -14.22 31.95
C ASP E 43 -19.94 -14.18 33.06
N LYS E 44 -21.10 -14.80 32.80
CA LYS E 44 -22.20 -14.79 33.75
C LYS E 44 -22.29 -15.92 34.76
N GLN E 45 -21.64 -17.03 34.49
CA GLN E 45 -21.69 -18.18 35.39
C GLN E 45 -20.39 -18.42 36.15
N LEU E 46 -19.34 -18.72 35.40
CA LEU E 46 -18.03 -19.01 35.96
C LEU E 46 -17.37 -17.89 36.76
N LEU E 47 -17.10 -16.76 36.10
CA LEU E 47 -16.43 -15.63 36.75
C LEU E 47 -16.97 -15.23 38.13
N PRO E 48 -18.28 -15.03 38.27
CA PRO E 48 -18.86 -14.65 39.57
C PRO E 48 -18.42 -15.57 40.71
N ILE E 49 -18.22 -16.85 40.39
CA ILE E 49 -17.79 -17.85 41.35
C ILE E 49 -16.28 -18.03 41.52
N VAL E 50 -15.52 -17.63 40.49
CA VAL E 50 -14.06 -17.65 40.51
C VAL E 50 -13.47 -16.58 41.47
N PRO F 4 -23.78 -24.42 42.66
CA PRO F 4 -23.40 -25.56 41.78
C PRO F 4 -23.20 -25.10 40.33
N LEU F 5 -22.35 -25.82 39.59
CA LEU F 5 -22.11 -25.46 38.20
C LEU F 5 -22.43 -26.61 37.26
N VAL F 6 -23.41 -26.37 36.38
CA VAL F 6 -23.86 -27.38 35.43
C VAL F 6 -23.82 -26.89 33.99
N PHE F 7 -22.75 -27.24 33.29
CA PHE F 7 -22.61 -26.83 31.89
C PHE F 7 -23.68 -27.49 31.02
N PRO F 8 -24.34 -26.70 30.15
CA PRO F 8 -25.40 -27.18 29.23
C PRO F 8 -24.77 -28.03 28.12
N SER F 9 -24.04 -29.08 28.53
CA SER F 9 -23.29 -30.00 27.66
C SER F 9 -23.92 -30.82 26.54
N ASP F 10 -25.07 -31.42 26.80
CA ASP F 10 -25.73 -32.24 25.79
C ASP F 10 -26.27 -31.41 24.63
N GLU F 11 -26.72 -30.20 24.93
CA GLU F 11 -27.22 -29.36 23.85
C GLU F 11 -26.00 -28.92 23.06
N PHE F 12 -24.96 -28.49 23.76
CA PHE F 12 -23.73 -28.04 23.13
C PHE F 12 -23.20 -29.09 22.16
N ASP F 13 -23.20 -30.34 22.59
CA ASP F 13 -22.69 -31.41 21.75
C ASP F 13 -23.57 -31.64 20.53
N ALA F 14 -24.88 -31.60 20.73
CA ALA F 14 -25.82 -31.80 19.62
C ALA F 14 -25.67 -30.70 18.57
N SER F 15 -25.39 -29.48 19.01
CA SER F 15 -25.23 -28.35 18.10
C SER F 15 -23.94 -28.46 17.30
N ILE F 16 -22.90 -28.94 17.96
CA ILE F 16 -21.63 -29.08 17.28
C ILE F 16 -21.73 -30.18 16.21
N SER F 17 -22.62 -31.15 16.46
CA SER F 17 -22.82 -32.25 15.52
C SER F 17 -23.65 -31.73 14.35
N GLN F 18 -24.55 -30.79 14.65
CA GLN F 18 -25.37 -30.19 13.61
C GLN F 18 -24.42 -29.39 12.70
N VAL F 19 -23.40 -28.77 13.30
CA VAL F 19 -22.43 -27.99 12.53
C VAL F 19 -21.62 -28.89 11.59
N ASN F 20 -21.15 -30.00 12.12
CA ASN F 20 -20.37 -30.94 11.32
C ASN F 20 -21.25 -31.52 10.19
N GLU F 21 -22.54 -31.67 10.47
CA GLU F 21 -23.49 -32.18 9.48
C GLU F 21 -23.62 -31.18 8.32
N LYS F 22 -23.70 -29.90 8.66
CA LYS F 22 -23.83 -28.87 7.64
C LYS F 22 -22.54 -28.78 6.85
N ILE F 23 -21.41 -29.06 7.49
CA ILE F 23 -20.14 -28.99 6.78
C ILE F 23 -20.08 -30.11 5.77
N ASN F 24 -20.47 -31.31 6.18
CA ASN F 24 -20.44 -32.45 5.27
C ASN F 24 -21.44 -32.28 4.13
N GLN F 25 -22.59 -31.69 4.41
CA GLN F 25 -23.57 -31.44 3.35
C GLN F 25 -22.89 -30.58 2.31
N SER F 26 -22.21 -29.54 2.81
CA SER F 26 -21.50 -28.59 1.99
C SER F 26 -20.52 -29.28 1.05
N LEU F 27 -19.73 -30.18 1.61
CA LEU F 27 -18.75 -30.89 0.82
C LEU F 27 -19.45 -31.76 -0.23
N ALA F 28 -20.66 -32.21 0.09
CA ALA F 28 -21.43 -33.04 -0.83
C ALA F 28 -21.96 -32.22 -2.00
N PHE F 29 -22.45 -31.02 -1.71
CA PHE F 29 -22.97 -30.19 -2.78
C PHE F 29 -21.84 -29.81 -3.72
N ILE F 30 -20.64 -29.68 -3.16
CA ILE F 30 -19.48 -29.33 -3.96
C ILE F 30 -19.04 -30.54 -4.78
N ARG F 31 -19.13 -31.72 -4.19
CA ARG F 31 -18.76 -32.95 -4.87
C ARG F 31 -19.63 -33.18 -6.10
N LYS F 32 -20.85 -32.67 -6.07
CA LYS F 32 -21.75 -32.83 -7.20
C LYS F 32 -21.47 -31.76 -8.24
N SER F 33 -21.11 -30.57 -7.79
CA SER F 33 -20.82 -29.48 -8.72
C SER F 33 -19.59 -29.87 -9.52
N ASP F 34 -18.60 -30.44 -8.85
CA ASP F 34 -17.38 -30.85 -9.54
C ASP F 34 -17.72 -31.95 -10.55
N GLU F 35 -18.51 -32.93 -10.13
CA GLU F 35 -18.92 -34.02 -11.00
C GLU F 35 -19.46 -33.47 -12.32
N LEU F 36 -20.51 -32.67 -12.24
CA LEU F 36 -21.11 -32.06 -13.42
C LEU F 36 -20.06 -31.42 -14.32
N LEU F 37 -19.23 -30.56 -13.73
CA LEU F 37 -18.18 -29.87 -14.47
C LEU F 37 -17.28 -30.80 -15.28
N HIS F 38 -16.90 -31.92 -14.69
CA HIS F 38 -16.03 -32.88 -15.37
C HIS F 38 -16.74 -33.68 -16.46
N ASN F 39 -18.08 -33.66 -16.46
CA ASN F 39 -18.86 -34.39 -17.46
C ASN F 39 -18.73 -33.75 -18.84
N LEU G 3 -34.03 26.17 22.00
CA LEU G 3 -33.22 25.20 22.79
C LEU G 3 -33.66 23.74 22.61
N GLU G 4 -34.97 23.47 22.57
CA GLU G 4 -35.45 22.09 22.39
C GLU G 4 -34.89 21.52 21.10
N GLY G 5 -34.94 22.34 20.05
CA GLY G 5 -34.45 21.93 18.75
C GLY G 5 -32.94 21.81 18.75
N GLU G 6 -32.26 22.73 19.42
CA GLU G 6 -30.80 22.70 19.51
C GLU G 6 -30.29 21.51 20.31
N VAL G 7 -30.78 21.36 21.53
CA VAL G 7 -30.37 20.26 22.39
C VAL G 7 -30.62 18.92 21.70
N ASN G 8 -31.69 18.86 20.91
CA ASN G 8 -32.01 17.63 20.19
C ASN G 8 -30.98 17.40 19.09
N LYS G 9 -30.47 18.48 18.50
CA LYS G 9 -29.45 18.36 17.47
C LYS G 9 -28.19 17.81 18.13
N ILE G 10 -27.77 18.45 19.22
CA ILE G 10 -26.59 18.04 19.95
C ILE G 10 -26.69 16.56 20.31
N LYS G 11 -27.90 16.12 20.65
CA LYS G 11 -28.15 14.73 21.00
C LYS G 11 -27.92 13.83 19.80
N SER G 12 -28.35 14.29 18.62
CA SER G 12 -28.17 13.50 17.41
C SER G 12 -26.70 13.46 17.03
N ALA G 13 -26.00 14.58 17.23
CA ALA G 13 -24.58 14.66 16.90
C ALA G 13 -23.78 13.73 17.81
N LEU G 14 -24.10 13.75 19.10
CA LEU G 14 -23.39 12.90 20.05
C LEU G 14 -23.60 11.44 19.66
N LEU G 15 -24.82 11.13 19.23
CA LEU G 15 -25.13 9.76 18.83
C LEU G 15 -24.24 9.33 17.67
N SER G 16 -24.01 10.24 16.73
CA SER G 16 -23.16 9.91 15.59
C SER G 16 -21.73 9.75 16.12
N THR G 17 -21.34 10.66 16.99
CA THR G 17 -20.01 10.61 17.56
C THR G 17 -19.74 9.30 18.25
N ASN G 18 -20.74 8.76 18.96
CA ASN G 18 -20.57 7.49 19.65
C ASN G 18 -20.38 6.40 18.61
N LYS G 19 -21.18 6.44 17.53
CA LYS G 19 -21.03 5.46 16.47
C LYS G 19 -19.62 5.56 15.86
N ALA G 20 -19.14 6.78 15.73
CA ALA G 20 -17.80 7.01 15.19
C ALA G 20 -16.77 6.29 16.05
N VAL G 21 -16.95 6.36 17.37
CA VAL G 21 -16.03 5.72 18.30
C VAL G 21 -16.15 4.21 18.23
N VAL G 22 -17.38 3.71 18.08
CA VAL G 22 -17.61 2.27 17.98
C VAL G 22 -16.90 1.67 16.77
N SER G 23 -17.02 2.32 15.60
CA SER G 23 -16.38 1.83 14.37
C SER G 23 -14.85 1.84 14.46
N LEU G 24 -14.30 2.87 15.10
CA LEU G 24 -12.85 2.98 15.22
C LEU G 24 -12.36 1.88 16.13
N SER G 25 -13.09 1.65 17.21
CA SER G 25 -12.76 0.60 18.15
C SER G 25 -12.74 -0.74 17.40
N ASN G 26 -13.82 -1.05 16.68
CA ASN G 26 -13.88 -2.31 15.91
C ASN G 26 -12.71 -2.38 14.95
N GLY G 27 -12.36 -1.24 14.37
CA GLY G 27 -11.22 -1.22 13.47
C GLY G 27 -9.93 -1.52 14.22
N VAL G 28 -9.79 -0.94 15.42
CA VAL G 28 -8.57 -1.20 16.23
C VAL G 28 -8.53 -2.65 16.65
N SER G 29 -9.69 -3.20 17.00
CA SER G 29 -9.77 -4.60 17.39
C SER G 29 -9.26 -5.53 16.29
N VAL G 30 -9.67 -5.29 15.04
CA VAL G 30 -9.20 -6.15 13.95
C VAL G 30 -7.70 -5.97 13.72
N LEU G 31 -7.26 -4.72 13.71
CA LEU G 31 -5.85 -4.44 13.51
C LEU G 31 -5.03 -5.09 14.62
N THR G 32 -5.57 -5.10 15.84
CA THR G 32 -4.84 -5.71 16.95
C THR G 32 -4.65 -7.20 16.71
N SER G 33 -5.68 -7.89 16.25
CA SER G 33 -5.53 -9.33 15.98
C SER G 33 -4.49 -9.57 14.89
N LYS G 34 -4.43 -8.67 13.91
CA LYS G 34 -3.45 -8.81 12.85
C LYS G 34 -2.05 -8.62 13.39
N VAL G 35 -1.87 -7.65 14.28
CA VAL G 35 -0.55 -7.45 14.85
C VAL G 35 -0.15 -8.72 15.60
N LEU G 36 -1.08 -9.30 16.36
CA LEU G 36 -0.79 -10.52 17.10
C LEU G 36 -0.43 -11.61 16.08
N ASP G 37 -1.20 -11.68 14.99
CA ASP G 37 -0.96 -12.65 13.91
C ASP G 37 0.47 -12.57 13.39
N LEU G 38 0.94 -11.33 13.19
CA LEU G 38 2.30 -11.12 12.70
C LEU G 38 3.32 -11.65 13.68
N LYS G 39 3.11 -11.33 14.96
CA LYS G 39 4.00 -11.78 16.01
C LYS G 39 4.05 -13.29 16.03
N ASN G 40 2.90 -13.95 16.04
CA ASN G 40 2.90 -15.41 16.07
C ASN G 40 3.52 -16.02 14.81
N TYR G 41 3.40 -15.33 13.67
CA TYR G 41 3.97 -15.85 12.42
C TYR G 41 5.49 -15.94 12.53
N ILE G 42 6.09 -14.84 12.97
CA ILE G 42 7.54 -14.74 13.14
C ILE G 42 8.01 -15.75 14.20
N ASP G 43 7.31 -15.79 15.32
CA ASP G 43 7.64 -16.67 16.44
C ASP G 43 7.54 -18.17 16.15
N LYS G 44 6.36 -18.63 15.75
CA LYS G 44 6.14 -20.05 15.51
C LYS G 44 6.49 -20.58 14.13
N GLN G 45 6.59 -19.71 13.14
CA GLN G 45 6.90 -20.16 11.79
C GLN G 45 8.29 -19.76 11.29
N LEU G 46 8.56 -18.47 11.31
CA LEU G 46 9.83 -17.96 10.83
C LEU G 46 11.06 -18.34 11.66
N LEU G 47 11.05 -18.01 12.95
CA LEU G 47 12.20 -18.31 13.80
C LEU G 47 12.68 -19.76 13.77
N PRO G 48 11.75 -20.73 13.87
CA PRO G 48 12.14 -22.15 13.84
C PRO G 48 13.07 -22.53 12.69
N ILE G 49 12.84 -21.92 11.53
CA ILE G 49 13.62 -22.21 10.34
C ILE G 49 14.91 -21.38 10.25
N VAL G 50 14.94 -20.24 10.92
CA VAL G 50 16.11 -19.37 10.89
C VAL G 50 17.23 -19.89 11.78
N ASN G 51 17.07 -21.07 12.34
CA ASN G 51 18.10 -21.60 13.22
C ASN G 51 18.82 -22.87 12.76
N PRO H 4 8.43 -25.12 2.33
CA PRO H 4 8.11 -23.84 1.65
C PRO H 4 7.28 -22.96 2.59
N LEU H 5 7.89 -21.89 3.08
CA LEU H 5 7.16 -20.98 3.97
C LEU H 5 6.20 -20.16 3.15
N VAL H 6 4.94 -20.15 3.57
CA VAL H 6 3.92 -19.40 2.86
C VAL H 6 3.11 -18.50 3.79
N PHE H 7 3.24 -17.19 3.55
CA PHE H 7 2.55 -16.17 4.32
C PHE H 7 1.07 -16.00 3.97
N PRO H 8 0.18 -16.02 4.97
CA PRO H 8 -1.29 -15.88 4.81
C PRO H 8 -1.65 -14.48 4.32
N SER H 9 -1.20 -14.11 3.12
CA SER H 9 -1.41 -12.77 2.59
C SER H 9 -2.78 -12.27 2.10
N ASP H 10 -3.62 -13.16 1.57
CA ASP H 10 -4.95 -12.76 1.10
C ASP H 10 -5.85 -12.40 2.28
N GLU H 11 -5.76 -13.15 3.38
CA GLU H 11 -6.61 -12.85 4.55
C GLU H 11 -6.17 -11.57 5.27
N PHE H 12 -4.87 -11.38 5.36
CA PHE H 12 -4.28 -10.21 6.00
C PHE H 12 -4.75 -8.96 5.26
N ASP H 13 -4.55 -8.94 3.95
CA ASP H 13 -4.95 -7.83 3.11
C ASP H 13 -6.42 -7.57 3.31
N ALA H 14 -7.19 -8.65 3.43
CA ALA H 14 -8.63 -8.51 3.62
C ALA H 14 -8.90 -7.84 4.99
N SER H 15 -8.16 -8.24 6.02
CA SER H 15 -8.37 -7.62 7.35
C SER H 15 -7.95 -6.15 7.34
N ILE H 16 -6.82 -5.87 6.73
CA ILE H 16 -6.35 -4.49 6.66
C ILE H 16 -7.35 -3.61 5.94
N SER H 17 -7.99 -4.16 4.92
CA SER H 17 -8.99 -3.41 4.15
C SER H 17 -10.24 -3.17 5.01
N GLN H 18 -10.53 -4.10 5.91
CA GLN H 18 -11.67 -3.94 6.81
C GLN H 18 -11.36 -2.81 7.79
N VAL H 19 -10.13 -2.78 8.30
CA VAL H 19 -9.71 -1.72 9.22
C VAL H 19 -9.88 -0.35 8.56
N ASN H 20 -9.31 -0.19 7.36
CA ASN H 20 -9.43 1.07 6.66
C ASN H 20 -10.89 1.40 6.38
N GLU H 21 -11.73 0.38 6.21
CA GLU H 21 -13.16 0.63 5.99
C GLU H 21 -13.76 1.27 7.25
N LYS H 22 -13.45 0.68 8.39
CA LYS H 22 -13.95 1.19 9.67
C LYS H 22 -13.41 2.60 9.97
N ILE H 23 -12.18 2.87 9.58
CA ILE H 23 -11.61 4.19 9.83
C ILE H 23 -12.47 5.22 9.08
N ASN H 24 -12.70 4.98 7.78
CA ASN H 24 -13.52 5.88 6.98
C ASN H 24 -14.97 5.96 7.51
N GLN H 25 -15.57 4.84 7.87
CA GLN H 25 -16.93 4.88 8.41
C GLN H 25 -16.96 5.71 9.71
N SER H 26 -15.88 5.64 10.48
CA SER H 26 -15.79 6.42 11.71
C SER H 26 -15.77 7.91 11.39
N LEU H 27 -14.95 8.28 10.40
CA LEU H 27 -14.81 9.68 10.00
C LEU H 27 -16.10 10.25 9.40
N ALA H 28 -16.83 9.43 8.65
CA ALA H 28 -18.09 9.88 8.05
C ALA H 28 -19.08 10.22 9.18
N PHE H 29 -19.08 9.40 10.23
CA PHE H 29 -19.96 9.64 11.37
C PHE H 29 -19.56 10.95 12.07
N ILE H 30 -18.26 11.23 12.10
CA ILE H 30 -17.80 12.47 12.72
C ILE H 30 -18.18 13.66 11.85
N ARG H 31 -18.15 13.48 10.54
CA ARG H 31 -18.51 14.53 9.61
C ARG H 31 -19.99 14.84 9.75
N LYS H 32 -20.78 13.79 9.98
CA LYS H 32 -22.22 13.95 10.15
C LYS H 32 -22.49 14.66 11.45
N SER H 33 -21.69 14.38 12.47
CA SER H 33 -21.85 15.00 13.77
C SER H 33 -21.51 16.48 13.70
N ASP H 34 -20.44 16.82 12.97
CA ASP H 34 -20.04 18.22 12.81
C ASP H 34 -21.08 18.95 11.98
N GLU H 35 -21.55 18.30 10.92
CA GLU H 35 -22.55 18.88 10.04
C GLU H 35 -23.77 19.34 10.83
N LEU H 36 -24.29 18.46 11.67
CA LEU H 36 -25.45 18.78 12.50
C LEU H 36 -25.15 19.92 13.47
N LEU H 37 -23.97 19.88 14.07
CA LEU H 37 -23.55 20.89 15.04
C LEU H 37 -23.38 22.29 14.46
N HIS H 38 -23.10 22.37 13.17
CA HIS H 38 -22.92 23.68 12.55
C HIS H 38 -24.24 24.22 12.03
N ASN H 39 -25.32 23.55 12.42
CA ASN H 39 -26.67 23.96 12.06
C ASN H 39 -27.40 24.34 13.34
N VAL H 40 -26.81 23.98 14.48
CA VAL H 40 -27.37 24.26 15.79
C VAL H 40 -27.61 25.76 15.99
N HIS I 2 -36.71 20.70 32.79
CA HIS I 2 -36.70 19.61 31.76
C HIS I 2 -35.49 19.78 30.85
N LEU I 3 -35.58 20.73 29.93
CA LEU I 3 -34.50 21.03 29.00
C LEU I 3 -33.23 21.19 29.85
N GLU I 4 -33.44 21.53 31.12
CA GLU I 4 -32.36 21.70 32.08
C GLU I 4 -31.80 20.36 32.53
N GLY I 5 -32.66 19.35 32.61
CA GLY I 5 -32.25 18.03 33.04
C GLY I 5 -31.81 17.06 31.97
N GLU I 6 -31.95 17.43 30.70
CA GLU I 6 -31.53 16.56 29.61
C GLU I 6 -30.14 17.04 29.21
N VAL I 7 -29.90 18.33 29.43
CA VAL I 7 -28.62 18.95 29.15
C VAL I 7 -27.68 18.47 30.25
N ASN I 8 -28.28 17.88 31.28
CA ASN I 8 -27.51 17.34 32.40
C ASN I 8 -27.19 15.90 32.04
N LYS I 9 -28.08 15.28 31.27
CA LYS I 9 -27.88 13.90 30.83
C LYS I 9 -26.85 13.89 29.70
N ILE I 10 -27.03 14.81 28.75
CA ILE I 10 -26.12 14.93 27.63
C ILE I 10 -24.71 15.16 28.13
N LYS I 11 -24.58 16.09 29.07
CA LYS I 11 -23.28 16.41 29.65
C LYS I 11 -22.65 15.16 30.24
N SER I 12 -23.47 14.33 30.88
CA SER I 12 -22.96 13.10 31.50
C SER I 12 -22.65 12.05 30.44
N ALA I 13 -23.35 12.10 29.31
CA ALA I 13 -23.10 11.17 28.21
C ALA I 13 -21.77 11.52 27.56
N LEU I 14 -21.56 12.82 27.29
CA LEU I 14 -20.33 13.28 26.65
C LEU I 14 -19.13 12.95 27.52
N LEU I 15 -19.30 13.04 28.83
CA LEU I 15 -18.20 12.74 29.73
C LEU I 15 -17.77 11.29 29.56
N SER I 16 -18.74 10.37 29.48
CA SER I 16 -18.42 8.95 29.31
C SER I 16 -17.78 8.73 27.94
N THR I 17 -18.28 9.44 26.94
CA THR I 17 -17.71 9.33 25.60
C THR I 17 -16.22 9.69 25.68
N ASN I 18 -15.94 10.83 26.29
CA ASN I 18 -14.56 11.29 26.44
C ASN I 18 -13.69 10.21 27.08
N LYS I 19 -14.23 9.50 28.06
CA LYS I 19 -13.47 8.43 28.71
C LYS I 19 -13.26 7.27 27.73
N ALA I 20 -14.20 7.08 26.81
CA ALA I 20 -14.09 6.01 25.81
C ALA I 20 -12.95 6.38 24.86
N VAL I 21 -12.90 7.64 24.43
CA VAL I 21 -11.85 8.08 23.53
C VAL I 21 -10.50 7.94 24.23
N VAL I 22 -10.46 8.35 25.51
CA VAL I 22 -9.23 8.22 26.27
C VAL I 22 -8.78 6.75 26.35
N SER I 23 -9.70 5.85 26.66
CA SER I 23 -9.35 4.43 26.75
C SER I 23 -8.80 3.91 25.43
N LEU I 24 -9.50 4.25 24.34
CA LEU I 24 -9.09 3.78 23.02
C LEU I 24 -7.70 4.31 22.67
N SER I 25 -7.45 5.57 22.99
CA SER I 25 -6.14 6.18 22.73
C SER I 25 -5.06 5.42 23.48
N ASN I 26 -5.33 5.13 24.75
CA ASN I 26 -4.36 4.39 25.55
C ASN I 26 -4.14 3.02 24.91
N GLY I 27 -5.21 2.42 24.40
CA GLY I 27 -5.06 1.12 23.76
C GLY I 27 -4.20 1.20 22.51
N VAL I 28 -4.43 2.22 21.68
CA VAL I 28 -3.66 2.41 20.45
C VAL I 28 -2.17 2.65 20.74
N SER I 29 -1.89 3.44 21.78
CA SER I 29 -0.49 3.72 22.15
C SER I 29 0.28 2.45 22.47
N VAL I 30 -0.37 1.53 23.20
CA VAL I 30 0.29 0.28 23.55
C VAL I 30 0.52 -0.54 22.30
N LEU I 31 -0.49 -0.59 21.42
CA LEU I 31 -0.41 -1.32 20.15
C LEU I 31 0.75 -0.79 19.33
N THR I 32 0.81 0.54 19.22
CA THR I 32 1.88 1.22 18.49
C THR I 32 3.27 0.81 18.97
N SER I 33 3.48 0.74 20.29
CA SER I 33 4.82 0.36 20.78
C SER I 33 5.13 -1.10 20.43
N LYS I 34 4.11 -1.96 20.43
CA LYS I 34 4.32 -3.36 20.08
C LYS I 34 4.64 -3.49 18.58
N VAL I 35 4.01 -2.66 17.76
CA VAL I 35 4.30 -2.66 16.32
C VAL I 35 5.76 -2.24 16.13
N LEU I 36 6.20 -1.23 16.87
CA LEU I 36 7.59 -0.79 16.78
C LEU I 36 8.49 -1.95 17.21
N ASP I 37 8.13 -2.60 18.32
CA ASP I 37 8.89 -3.75 18.84
C ASP I 37 9.08 -4.77 17.73
N LEU I 38 8.00 -5.07 17.01
CA LEU I 38 8.08 -6.04 15.92
C LEU I 38 9.07 -5.56 14.88
N LYS I 39 8.96 -4.29 14.49
CA LYS I 39 9.87 -3.77 13.49
C LYS I 39 11.32 -3.84 13.96
N ASN I 40 11.59 -3.41 15.18
CA ASN I 40 12.96 -3.45 15.68
C ASN I 40 13.45 -4.88 15.81
N TYR I 41 12.55 -5.81 16.12
CA TYR I 41 12.95 -7.21 16.24
C TYR I 41 13.43 -7.73 14.91
N ILE I 42 12.67 -7.45 13.86
CA ILE I 42 13.02 -7.87 12.52
C ILE I 42 14.32 -7.23 12.09
N ASP I 43 14.44 -5.94 12.34
CA ASP I 43 15.63 -5.17 11.97
C ASP I 43 16.94 -5.52 12.71
N LYS I 44 16.90 -5.47 14.04
CA LYS I 44 18.11 -5.72 14.83
C LYS I 44 18.42 -7.17 15.24
N GLN I 45 17.43 -8.05 15.19
CA GLN I 45 17.66 -9.43 15.60
C GLN I 45 17.55 -10.47 14.48
N LEU I 46 16.50 -10.35 13.67
CA LEU I 46 16.27 -11.29 12.59
C LEU I 46 17.18 -11.10 11.38
N LEU I 47 17.17 -9.91 10.80
CA LEU I 47 17.98 -9.64 9.61
C LEU I 47 19.48 -9.94 9.75
N PRO I 48 20.08 -9.60 10.89
CA PRO I 48 21.52 -9.88 11.04
C PRO I 48 21.89 -11.36 10.90
N ILE I 49 20.94 -12.25 11.19
CA ILE I 49 21.19 -13.68 11.11
C ILE I 49 20.74 -14.28 9.78
N VAL I 50 19.92 -13.56 9.05
CA VAL I 50 19.42 -14.04 7.77
C VAL I 50 20.43 -13.79 6.64
N ASN I 51 21.59 -13.27 6.98
CA ASN I 51 22.62 -13.01 5.97
C ASN I 51 23.87 -13.86 6.19
N PRO J 4 20.55 -19.60 19.34
CA PRO J 4 19.10 -19.58 19.09
C PRO J 4 18.53 -18.18 19.24
N LEU J 5 17.24 -18.03 18.93
CA LEU J 5 16.53 -16.76 19.03
C LEU J 5 15.16 -17.00 19.66
N VAL J 6 14.96 -16.44 20.85
CA VAL J 6 13.68 -16.62 21.52
C VAL J 6 12.96 -15.29 21.72
N PHE J 7 11.90 -15.12 20.93
CA PHE J 7 11.06 -13.93 20.93
C PHE J 7 10.40 -13.63 22.28
N PRO J 8 10.41 -12.36 22.71
CA PRO J 8 9.79 -11.96 23.99
C PRO J 8 8.27 -12.13 23.97
N SER J 9 7.83 -13.33 23.61
CA SER J 9 6.41 -13.70 23.51
C SER J 9 5.45 -13.26 24.63
N ASP J 10 5.43 -14.04 25.70
CA ASP J 10 4.59 -13.81 26.87
C ASP J 10 4.29 -12.34 27.21
N GLU J 11 5.32 -11.50 27.19
CA GLU J 11 5.15 -10.07 27.49
C GLU J 11 4.34 -9.41 26.38
N PHE J 12 4.64 -9.81 25.15
CA PHE J 12 3.94 -9.28 23.99
C PHE J 12 2.46 -9.59 24.11
N ASP J 13 2.12 -10.84 24.46
CA ASP J 13 0.71 -11.25 24.62
C ASP J 13 0.03 -10.49 25.76
N ALA J 14 0.76 -10.28 26.84
CA ALA J 14 0.20 -9.54 27.95
C ALA J 14 -0.11 -8.14 27.44
N SER J 15 0.80 -7.57 26.65
CA SER J 15 0.59 -6.22 26.08
C SER J 15 -0.64 -6.19 25.16
N ILE J 16 -0.75 -7.17 24.27
CA ILE J 16 -1.89 -7.23 23.34
C ILE J 16 -3.17 -7.35 24.14
N SER J 17 -3.09 -8.13 25.23
CA SER J 17 -4.23 -8.35 26.12
C SER J 17 -4.67 -7.05 26.78
N GLN J 18 -3.72 -6.15 27.04
CA GLN J 18 -4.06 -4.86 27.65
C GLN J 18 -4.81 -4.03 26.62
N VAL J 19 -4.31 -4.03 25.38
CA VAL J 19 -4.97 -3.29 24.30
C VAL J 19 -6.43 -3.74 24.18
N ASN J 20 -6.66 -5.05 24.14
CA ASN J 20 -8.03 -5.55 24.06
C ASN J 20 -8.88 -5.06 25.24
N GLU J 21 -8.29 -5.05 26.42
CA GLU J 21 -9.03 -4.60 27.59
C GLU J 21 -9.43 -3.13 27.41
N LYS J 22 -8.52 -2.35 26.85
CA LYS J 22 -8.80 -0.94 26.65
C LYS J 22 -9.83 -0.71 25.54
N ILE J 23 -9.81 -1.56 24.51
CA ILE J 23 -10.80 -1.43 23.44
C ILE J 23 -12.15 -1.76 24.06
N ASN J 24 -12.18 -2.79 24.90
CA ASN J 24 -13.43 -3.18 25.56
C ASN J 24 -13.96 -2.05 26.45
N GLN J 25 -13.09 -1.52 27.29
CA GLN J 25 -13.50 -0.42 28.17
C GLN J 25 -14.07 0.71 27.33
N SER J 26 -13.45 0.97 26.18
CA SER J 26 -13.94 2.02 25.30
C SER J 26 -15.42 1.80 24.89
N LEU J 27 -15.73 0.57 24.47
CA LEU J 27 -17.08 0.22 24.06
C LEU J 27 -18.05 0.30 25.25
N ALA J 28 -17.56 -0.09 26.44
CA ALA J 28 -18.38 -0.03 27.65
C ALA J 28 -18.79 1.42 27.92
N PHE J 29 -17.85 2.35 27.79
CA PHE J 29 -18.16 3.77 28.01
C PHE J 29 -19.14 4.31 26.96
N ILE J 30 -19.01 3.86 25.71
CA ILE J 30 -19.95 4.33 24.69
C ILE J 30 -21.33 3.74 25.01
N ARG J 31 -21.35 2.54 25.56
CA ARG J 31 -22.61 1.89 25.93
C ARG J 31 -23.36 2.70 26.99
N LYS J 32 -22.62 3.20 27.96
CA LYS J 32 -23.22 4.00 29.01
C LYS J 32 -23.72 5.31 28.42
N SER J 33 -22.88 5.94 27.60
CA SER J 33 -23.25 7.20 26.96
C SER J 33 -24.56 7.01 26.19
N ASP J 34 -24.63 5.98 25.35
CA ASP J 34 -25.85 5.73 24.59
C ASP J 34 -27.01 5.54 25.56
N GLU J 35 -26.78 4.79 26.64
CA GLU J 35 -27.82 4.54 27.63
C GLU J 35 -28.43 5.85 28.11
N LEU J 36 -27.60 6.74 28.66
CA LEU J 36 -28.06 8.04 29.16
C LEU J 36 -28.83 8.85 28.12
N LEU J 37 -28.25 8.99 26.93
CA LEU J 37 -28.84 9.75 25.84
C LEU J 37 -30.25 9.33 25.44
N HIS J 38 -30.49 8.03 25.33
CA HIS J 38 -31.81 7.54 24.94
C HIS J 38 -32.81 7.69 26.08
N ASN J 39 -32.31 7.94 27.28
CA ASN J 39 -33.17 8.10 28.44
C ASN J 39 -33.48 9.58 28.66
N GLY K 5 -26.62 28.67 26.20
CA GLY K 5 -25.64 29.01 27.27
C GLY K 5 -24.78 27.81 27.63
N GLU K 6 -25.28 26.98 28.53
CA GLU K 6 -24.56 25.77 28.92
C GLU K 6 -24.55 24.89 27.68
N VAL K 7 -25.65 24.96 26.94
CA VAL K 7 -25.81 24.19 25.71
C VAL K 7 -24.73 24.56 24.69
N ASN K 8 -24.47 25.86 24.55
CA ASN K 8 -23.45 26.33 23.62
C ASN K 8 -22.06 25.88 24.05
N LYS K 9 -21.85 25.76 25.35
CA LYS K 9 -20.56 25.31 25.86
C LYS K 9 -20.40 23.83 25.49
N ILE K 10 -21.44 23.05 25.78
CA ILE K 10 -21.47 21.63 25.47
C ILE K 10 -21.18 21.40 23.98
N LYS K 11 -21.72 22.28 23.16
CA LYS K 11 -21.52 22.18 21.71
C LYS K 11 -20.04 22.27 21.38
N SER K 12 -19.34 23.16 22.06
CA SER K 12 -17.92 23.34 21.84
C SER K 12 -17.17 22.07 22.24
N ALA K 13 -17.51 21.55 23.41
CA ALA K 13 -16.87 20.34 23.92
C ALA K 13 -16.99 19.17 22.94
N LEU K 14 -18.19 18.96 22.40
CA LEU K 14 -18.43 17.88 21.46
C LEU K 14 -17.58 18.10 20.21
N LEU K 15 -17.45 19.36 19.80
CA LEU K 15 -16.64 19.72 18.64
C LEU K 15 -15.20 19.33 18.91
N SER K 16 -14.79 19.50 20.16
CA SER K 16 -13.43 19.15 20.58
C SER K 16 -13.30 17.65 20.64
N THR K 17 -14.35 16.99 21.12
CA THR K 17 -14.34 15.55 21.21
C THR K 17 -14.26 14.97 19.80
N ASN K 18 -14.94 15.59 18.86
CA ASN K 18 -14.88 15.10 17.48
C ASN K 18 -13.46 15.19 16.95
N LYS K 19 -12.76 16.27 17.30
CA LYS K 19 -11.40 16.49 16.84
C LYS K 19 -10.44 15.46 17.43
N ALA K 20 -10.77 14.92 18.60
CA ALA K 20 -9.90 13.93 19.19
C ALA K 20 -10.02 12.65 18.38
N VAL K 21 -11.24 12.36 17.96
CA VAL K 21 -11.54 11.16 17.18
C VAL K 21 -10.93 11.26 15.78
N VAL K 22 -11.04 12.45 15.17
CA VAL K 22 -10.48 12.69 13.85
C VAL K 22 -8.97 12.48 13.96
N SER K 23 -8.39 13.04 15.02
CA SER K 23 -6.96 12.92 15.24
C SER K 23 -6.54 11.47 15.46
N LEU K 24 -7.26 10.75 16.34
CA LEU K 24 -6.93 9.35 16.63
C LEU K 24 -7.07 8.47 15.36
N SER K 25 -8.07 8.77 14.54
CA SER K 25 -8.29 8.04 13.28
C SER K 25 -7.05 8.20 12.40
N ASN K 26 -6.50 9.41 12.35
CA ASN K 26 -5.31 9.66 11.55
C ASN K 26 -4.17 8.82 12.11
N GLY K 27 -4.12 8.71 13.44
CA GLY K 27 -3.09 7.88 14.05
C GLY K 27 -3.25 6.44 13.56
N VAL K 28 -4.45 5.89 13.75
CA VAL K 28 -4.72 4.52 13.33
C VAL K 28 -4.49 4.30 11.82
N SER K 29 -4.79 5.30 10.99
CA SER K 29 -4.56 5.15 9.54
C SER K 29 -3.09 4.89 9.27
N VAL K 30 -2.23 5.70 9.86
CA VAL K 30 -0.82 5.51 9.67
C VAL K 30 -0.34 4.22 10.29
N LEU K 31 -0.77 3.92 11.51
CA LEU K 31 -0.32 2.67 12.15
C LEU K 31 -0.71 1.46 11.30
N THR K 32 -1.88 1.53 10.67
CA THR K 32 -2.34 0.45 9.81
C THR K 32 -1.40 0.32 8.60
N SER K 33 -1.05 1.43 7.98
CA SER K 33 -0.18 1.36 6.82
C SER K 33 1.18 0.80 7.22
N LYS K 34 1.60 1.02 8.46
CA LYS K 34 2.88 0.47 8.92
C LYS K 34 2.81 -1.04 9.15
N VAL K 35 1.67 -1.54 9.62
CA VAL K 35 1.54 -2.99 9.84
C VAL K 35 1.52 -3.72 8.51
N LEU K 36 0.88 -3.11 7.51
CA LEU K 36 0.80 -3.65 6.16
C LEU K 36 2.22 -3.66 5.62
N ASP K 37 2.96 -2.58 5.89
CA ASP K 37 4.34 -2.50 5.44
C ASP K 37 5.16 -3.66 6.03
N LEU K 38 4.92 -3.99 7.30
CA LEU K 38 5.68 -5.09 7.91
C LEU K 38 5.33 -6.40 7.22
N LYS K 39 4.03 -6.63 7.02
CA LYS K 39 3.57 -7.85 6.37
C LYS K 39 4.19 -7.98 4.97
N ASN K 40 4.20 -6.89 4.21
CA ASN K 40 4.79 -6.92 2.86
C ASN K 40 6.30 -7.19 2.91
N TYR K 41 6.98 -6.64 3.91
CA TYR K 41 8.41 -6.84 4.04
C TYR K 41 8.72 -8.31 4.27
N ILE K 42 7.99 -8.94 5.19
CA ILE K 42 8.17 -10.35 5.51
C ILE K 42 7.88 -11.22 4.27
N ASP K 43 6.72 -10.97 3.67
CA ASP K 43 6.29 -11.72 2.51
C ASP K 43 7.20 -11.60 1.28
N LYS K 44 7.40 -10.38 0.80
CA LYS K 44 8.21 -10.16 -0.39
C LYS K 44 9.72 -10.13 -0.22
N GLN K 45 10.20 -9.58 0.89
CA GLN K 45 11.64 -9.47 1.10
C GLN K 45 12.29 -10.60 1.90
N LEU K 46 11.75 -10.85 3.08
CA LEU K 46 12.28 -11.85 3.98
C LEU K 46 12.15 -13.31 3.53
N LEU K 47 10.91 -13.80 3.44
CA LEU K 47 10.66 -15.17 3.05
C LEU K 47 11.46 -15.69 1.85
N PRO K 48 11.50 -14.94 0.75
CA PRO K 48 12.26 -15.41 -0.41
C PRO K 48 13.69 -15.83 -0.08
N ILE K 49 14.30 -15.14 0.87
CA ILE K 49 15.66 -15.45 1.28
C ILE K 49 15.76 -16.55 2.34
N VAL K 50 14.74 -16.66 3.18
CA VAL K 50 14.75 -17.68 4.23
C VAL K 50 14.64 -19.09 3.65
N ASN K 51 14.58 -19.18 2.33
CA ASN K 51 14.47 -20.47 1.66
C ASN K 51 15.68 -20.81 0.79
N LYS K 52 16.51 -19.81 0.51
CA LYS K 52 17.70 -20.00 -0.31
C LYS K 52 18.90 -20.40 0.55
N PHE L 1 20.07 -7.54 -6.90
CA PHE L 1 19.15 -6.41 -6.50
C PHE L 1 19.35 -5.94 -5.05
N TYR L 2 20.43 -5.22 -4.76
CA TYR L 2 20.67 -4.75 -3.39
C TYR L 2 20.50 -5.99 -2.51
N ASP L 3 21.48 -6.90 -2.61
CA ASP L 3 21.45 -8.17 -1.90
C ASP L 3 21.36 -8.29 -0.38
N PRO L 4 22.35 -7.78 0.36
CA PRO L 4 22.10 -7.96 1.80
C PRO L 4 20.91 -7.14 2.31
N LEU L 5 19.93 -7.84 2.89
CA LEU L 5 18.70 -7.26 3.39
C LEU L 5 18.80 -5.97 4.18
N VAL L 6 17.96 -5.02 3.81
CA VAL L 6 17.92 -3.71 4.44
C VAL L 6 16.47 -3.39 4.79
N PHE L 7 16.25 -2.72 5.92
CA PHE L 7 14.88 -2.37 6.32
C PHE L 7 14.70 -0.85 6.37
N PRO L 8 13.59 -0.33 5.81
CA PRO L 8 13.29 1.11 5.81
C PRO L 8 13.03 1.66 7.22
N SER L 9 13.98 1.46 8.14
CA SER L 9 13.88 1.90 9.55
C SER L 9 13.60 3.35 9.92
N ASP L 10 14.26 4.27 9.24
CA ASP L 10 14.08 5.69 9.50
C ASP L 10 12.68 6.17 9.11
N GLU L 11 12.16 5.67 8.01
CA GLU L 11 10.82 6.09 7.60
C GLU L 11 9.80 5.45 8.53
N PHE L 12 10.03 4.18 8.85
CA PHE L 12 9.13 3.48 9.76
C PHE L 12 9.10 4.24 11.10
N ASP L 13 10.28 4.57 11.63
CA ASP L 13 10.41 5.32 12.91
C ASP L 13 9.65 6.62 12.90
N ALA L 14 9.86 7.40 11.85
CA ALA L 14 9.17 8.68 11.71
C ALA L 14 7.65 8.48 11.60
N SER L 15 7.23 7.40 10.97
CA SER L 15 5.79 7.17 10.86
C SER L 15 5.23 6.82 12.25
N ILE L 16 5.96 5.98 12.99
CA ILE L 16 5.53 5.62 14.33
C ILE L 16 5.47 6.85 15.24
N SER L 17 6.43 7.78 15.09
CA SER L 17 6.41 9.00 15.91
C SER L 17 5.20 9.83 15.54
N GLN L 18 4.78 9.70 14.28
CA GLN L 18 3.63 10.44 13.81
C GLN L 18 2.37 9.90 14.47
N VAL L 19 2.31 8.58 14.63
CA VAL L 19 1.15 7.97 15.28
C VAL L 19 1.03 8.53 16.70
N ASN L 20 2.13 8.46 17.46
CA ASN L 20 2.17 8.95 18.85
C ASN L 20 1.78 10.43 18.92
N GLU L 21 2.25 11.22 17.96
CA GLU L 21 1.88 12.63 17.94
C GLU L 21 0.37 12.76 17.81
N LYS L 22 -0.23 11.90 17.00
CA LYS L 22 -1.67 11.97 16.82
C LYS L 22 -2.43 11.49 18.04
N ILE L 23 -1.91 10.46 18.72
CA ILE L 23 -2.57 9.95 19.92
C ILE L 23 -2.54 11.05 20.99
N ASN L 24 -1.44 11.80 21.04
CA ASN L 24 -1.30 12.87 22.03
C ASN L 24 -2.21 14.04 21.73
N GLN L 25 -2.40 14.34 20.44
CA GLN L 25 -3.29 15.44 20.11
C GLN L 25 -4.70 15.08 20.58
N SER L 26 -5.12 13.84 20.30
CA SER L 26 -6.46 13.42 20.69
C SER L 26 -6.59 13.51 22.20
N LEU L 27 -5.59 13.04 22.93
CA LEU L 27 -5.63 13.14 24.39
C LEU L 27 -5.83 14.61 24.77
N ALA L 28 -5.08 15.49 24.12
CA ALA L 28 -5.17 16.93 24.37
C ALA L 28 -6.56 17.47 24.02
N PHE L 29 -7.12 17.03 22.90
CA PHE L 29 -8.44 17.50 22.51
C PHE L 29 -9.55 17.03 23.46
N ILE L 30 -9.32 15.90 24.13
CA ILE L 30 -10.31 15.41 25.08
C ILE L 30 -10.14 16.23 26.35
N ARG L 31 -8.89 16.49 26.69
CA ARG L 31 -8.54 17.28 27.88
C ARG L 31 -9.29 18.61 27.84
N LYS L 32 -9.41 19.18 26.64
CA LYS L 32 -10.11 20.43 26.47
C LYS L 32 -11.62 20.22 26.56
N SER L 33 -12.09 19.09 26.05
CA SER L 33 -13.53 18.83 26.10
C SER L 33 -13.99 18.63 27.54
N ASP L 34 -13.16 17.98 28.33
CA ASP L 34 -13.53 17.76 29.72
C ASP L 34 -13.61 19.08 30.48
N GLU L 35 -12.60 19.92 30.33
CA GLU L 35 -12.56 21.22 31.02
C GLU L 35 -13.84 22.03 30.82
N LEU L 36 -14.21 22.26 29.56
CA LEU L 36 -15.42 23.02 29.27
C LEU L 36 -16.62 22.40 29.97
N LEU L 37 -16.80 21.08 29.80
CA LEU L 37 -17.92 20.37 30.40
C LEU L 37 -18.05 20.60 31.90
N HIS L 38 -16.93 20.55 32.62
CA HIS L 38 -16.96 20.77 34.06
C HIS L 38 -17.26 22.23 34.38
N ASN L 39 -17.73 22.94 33.36
CA ASN L 39 -18.08 24.35 33.48
C ASN L 39 -19.51 24.51 32.95
N VAL L 40 -20.25 23.41 32.90
CA VAL L 40 -21.62 23.42 32.40
C VAL L 40 -22.61 22.98 33.48
N LEU M 3 38.30 30.84 11.10
CA LEU M 3 37.13 30.15 11.72
C LEU M 3 36.00 31.15 11.82
N GLU M 4 36.33 32.42 11.60
CA GLU M 4 35.33 33.48 11.64
C GLU M 4 34.67 33.55 10.27
N GLY M 5 35.48 33.50 9.21
CA GLY M 5 34.95 33.56 7.87
C GLY M 5 34.26 32.28 7.45
N GLU M 6 34.71 31.15 8.00
CA GLU M 6 34.11 29.88 7.67
C GLU M 6 32.72 29.75 8.30
N VAL M 7 32.54 30.29 9.50
CA VAL M 7 31.24 30.26 10.18
C VAL M 7 30.27 30.99 9.27
N ASN M 8 30.78 32.06 8.67
CA ASN M 8 29.99 32.89 7.76
C ASN M 8 29.52 32.11 6.54
N LYS M 9 30.39 31.25 6.02
CA LYS M 9 30.07 30.44 4.86
C LYS M 9 28.97 29.45 5.20
N ILE M 10 29.16 28.74 6.31
CA ILE M 10 28.20 27.75 6.77
C ILE M 10 26.84 28.41 7.00
N LYS M 11 26.84 29.61 7.54
CA LYS M 11 25.61 30.33 7.79
C LYS M 11 24.89 30.65 6.49
N SER M 12 25.67 30.91 5.44
CA SER M 12 25.10 31.24 4.13
C SER M 12 24.57 29.99 3.45
N ALA M 13 25.25 28.87 3.66
CA ALA M 13 24.85 27.60 3.10
C ALA M 13 23.51 27.22 3.72
N LEU M 14 23.44 27.27 5.06
CA LEU M 14 22.20 26.93 5.75
C LEU M 14 21.06 27.78 5.21
N LEU M 15 21.31 29.07 4.99
CA LEU M 15 20.27 29.95 4.49
C LEU M 15 19.74 29.53 3.11
N SER M 16 20.59 28.94 2.28
CA SER M 16 20.11 28.50 0.97
C SER M 16 19.44 27.14 1.19
N THR M 17 20.01 26.34 2.07
CA THR M 17 19.44 25.04 2.36
C THR M 17 18.01 25.21 2.85
N ASN M 18 17.78 26.20 3.72
CA ASN M 18 16.43 26.47 4.23
C ASN M 18 15.55 26.91 3.09
N LYS M 19 16.16 27.56 2.10
CA LYS M 19 15.39 27.99 0.93
C LYS M 19 14.96 26.77 0.11
N ALA M 20 15.83 25.78 0.03
CA ALA M 20 15.53 24.55 -0.68
C ALA M 20 14.28 23.94 -0.06
N VAL M 21 14.32 23.75 1.27
CA VAL M 21 13.21 23.15 1.99
C VAL M 21 11.92 23.93 1.83
N VAL M 22 12.02 25.26 1.81
CA VAL M 22 10.82 26.05 1.64
C VAL M 22 10.32 25.80 0.23
N SER M 23 11.25 25.75 -0.71
CA SER M 23 10.90 25.53 -2.11
C SER M 23 10.14 24.21 -2.25
N LEU M 24 10.75 23.14 -1.76
CA LEU M 24 10.15 21.83 -1.83
C LEU M 24 8.78 21.77 -1.17
N SER M 25 8.64 22.43 -0.02
CA SER M 25 7.37 22.47 0.70
C SER M 25 6.24 23.09 -0.11
N ASN M 26 6.53 24.17 -0.83
CA ASN M 26 5.49 24.81 -1.62
C ASN M 26 5.07 23.86 -2.74
N GLY M 27 6.04 23.16 -3.32
CA GLY M 27 5.72 22.20 -4.35
C GLY M 27 4.79 21.13 -3.79
N VAL M 28 5.25 20.41 -2.76
CA VAL M 28 4.45 19.36 -2.15
C VAL M 28 3.05 19.90 -1.85
N SER M 29 2.97 21.16 -1.47
CA SER M 29 1.67 21.76 -1.17
C SER M 29 0.77 21.83 -2.42
N VAL M 30 1.34 22.22 -3.56
CA VAL M 30 0.57 22.31 -4.79
C VAL M 30 0.17 20.89 -5.22
N LEU M 31 1.11 19.95 -5.09
CA LEU M 31 0.87 18.56 -5.46
C LEU M 31 -0.30 18.00 -4.65
N THR M 32 -0.26 18.20 -3.34
CA THR M 32 -1.31 17.73 -2.44
C THR M 32 -2.71 18.22 -2.87
N SER M 33 -2.79 19.45 -3.35
CA SER M 33 -4.09 19.98 -3.76
C SER M 33 -4.58 19.33 -5.05
N LYS M 34 -3.66 18.92 -5.92
CA LYS M 34 -4.03 18.27 -7.18
C LYS M 34 -4.51 16.84 -6.90
N VAL M 35 -3.84 16.18 -5.95
CA VAL M 35 -4.21 14.82 -5.56
C VAL M 35 -5.64 14.87 -5.03
N LEU M 36 -5.94 15.93 -4.28
CA LEU M 36 -7.27 16.11 -3.73
C LEU M 36 -8.28 16.35 -4.86
N ASP M 37 -7.84 17.00 -5.94
CA ASP M 37 -8.69 17.28 -7.10
C ASP M 37 -9.09 15.97 -7.79
N LEU M 38 -8.10 15.10 -7.98
CA LEU M 38 -8.35 13.82 -8.61
C LEU M 38 -9.34 13.01 -7.79
N LYS M 39 -9.20 13.05 -6.47
CA LYS M 39 -10.11 12.29 -5.62
C LYS M 39 -11.51 12.90 -5.65
N ASN M 40 -11.59 14.22 -5.68
CA ASN M 40 -12.88 14.87 -5.74
C ASN M 40 -13.54 14.62 -7.07
N TYR M 41 -12.74 14.60 -8.12
CA TYR M 41 -13.25 14.37 -9.46
C TYR M 41 -13.81 12.94 -9.60
N ILE M 42 -13.10 11.97 -9.03
CA ILE M 42 -13.55 10.58 -9.09
C ILE M 42 -14.82 10.39 -8.27
N ASP M 43 -14.88 11.04 -7.11
CA ASP M 43 -16.02 10.94 -6.22
C ASP M 43 -17.27 11.68 -6.72
N LYS M 44 -17.15 12.98 -6.91
CA LYS M 44 -18.26 13.83 -7.33
C LYS M 44 -18.69 13.81 -8.80
N GLN M 45 -17.75 13.53 -9.70
CA GLN M 45 -18.04 13.54 -11.14
C GLN M 45 -18.16 12.19 -11.84
N LEU M 46 -17.10 11.39 -11.74
CA LEU M 46 -17.04 10.08 -12.38
C LEU M 46 -17.94 8.99 -11.80
N LEU M 47 -17.79 8.71 -10.51
CA LEU M 47 -18.63 7.70 -9.87
C LEU M 47 -20.13 7.82 -10.14
N PRO M 48 -20.68 9.06 -10.18
CA PRO M 48 -22.11 9.17 -10.45
C PRO M 48 -22.62 8.80 -11.84
N ILE M 49 -21.70 8.83 -12.80
CA ILE M 49 -22.09 8.41 -14.14
C ILE M 49 -21.71 6.87 -14.37
N PRO N 4 -21.07 15.75 -21.97
CA PRO N 4 -19.60 15.71 -21.78
C PRO N 4 -19.13 15.61 -20.32
N LEU N 5 -17.94 15.05 -20.15
CA LEU N 5 -17.28 14.94 -18.85
C LEU N 5 -15.95 15.51 -19.30
N VAL N 6 -15.81 16.81 -19.10
CA VAL N 6 -14.60 17.52 -19.51
C VAL N 6 -13.63 17.67 -18.34
N PHE N 7 -12.50 16.98 -18.44
CA PHE N 7 -11.52 17.09 -17.38
C PHE N 7 -10.75 18.38 -17.50
N PRO N 8 -10.55 19.11 -16.39
CA PRO N 8 -9.81 20.38 -16.32
C PRO N 8 -8.33 20.24 -16.61
N SER N 9 -8.01 19.50 -17.66
CA SER N 9 -6.66 19.19 -18.13
C SER N 9 -5.55 20.25 -18.06
N ASP N 10 -5.65 21.27 -18.90
CA ASP N 10 -4.65 22.34 -18.96
C ASP N 10 -4.27 22.96 -17.61
N GLU N 11 -5.23 23.15 -16.70
CA GLU N 11 -4.88 23.73 -15.40
C GLU N 11 -4.03 22.72 -14.64
N PHE N 12 -4.49 21.47 -14.58
CA PHE N 12 -3.76 20.43 -13.87
C PHE N 12 -2.31 20.36 -14.34
N ASP N 13 -2.13 20.44 -15.66
CA ASP N 13 -0.79 20.41 -16.24
C ASP N 13 0.03 21.60 -15.77
N ALA N 14 -0.62 22.76 -15.74
CA ALA N 14 0.04 23.99 -15.32
C ALA N 14 0.51 23.86 -13.87
N SER N 15 -0.36 23.29 -13.03
CA SER N 15 -0.03 23.10 -11.63
C SER N 15 1.12 22.12 -11.46
N ILE N 16 1.08 21.00 -12.16
CA ILE N 16 2.15 20.03 -12.06
C ILE N 16 3.47 20.65 -12.47
N SER N 17 3.45 21.52 -13.49
CA SER N 17 4.69 22.16 -13.93
C SER N 17 5.22 23.05 -12.80
N GLN N 18 4.33 23.73 -12.09
CA GLN N 18 4.73 24.57 -10.97
C GLN N 18 5.45 23.69 -9.95
N VAL N 19 4.89 22.51 -9.68
CA VAL N 19 5.51 21.58 -8.73
C VAL N 19 6.94 21.26 -9.15
N ASN N 20 7.12 20.82 -10.40
CA ASN N 20 8.46 20.49 -10.88
C ASN N 20 9.39 21.70 -10.86
N GLU N 21 8.82 22.89 -11.07
CA GLU N 21 9.63 24.09 -11.04
C GLU N 21 10.16 24.29 -9.63
N LYS N 22 9.26 24.16 -8.65
CA LYS N 22 9.62 24.31 -7.26
C LYS N 22 10.64 23.25 -6.85
N ILE N 23 10.54 22.06 -7.43
CA ILE N 23 11.48 21.00 -7.11
C ILE N 23 12.86 21.35 -7.66
N ASN N 24 12.92 21.89 -8.89
CA ASN N 24 14.23 22.25 -9.45
C ASN N 24 14.86 23.38 -8.63
N GLN N 25 14.06 24.34 -8.23
CA GLN N 25 14.59 25.41 -7.39
C GLN N 25 15.25 24.79 -6.16
N SER N 26 14.56 23.85 -5.51
CA SER N 26 15.10 23.18 -4.32
C SER N 26 16.47 22.55 -4.58
N LEU N 27 16.60 21.83 -5.69
CA LEU N 27 17.87 21.23 -6.02
C LEU N 27 18.93 22.30 -6.33
N ALA N 28 18.51 23.43 -6.88
CA ALA N 28 19.44 24.51 -7.17
C ALA N 28 20.01 25.07 -5.85
N PHE N 29 19.11 25.44 -4.92
CA PHE N 29 19.55 25.97 -3.63
C PHE N 29 20.46 25.01 -2.88
N ILE N 30 20.28 23.70 -3.08
CA ILE N 30 21.15 22.75 -2.37
C ILE N 30 22.51 22.73 -3.05
N ARG N 31 22.54 22.99 -4.35
CA ARG N 31 23.81 22.98 -5.07
C ARG N 31 24.64 24.18 -4.57
N LYS N 32 23.99 25.32 -4.41
CA LYS N 32 24.68 26.52 -3.92
C LYS N 32 25.21 26.23 -2.51
N SER N 33 24.36 25.69 -1.65
CA SER N 33 24.78 25.38 -0.28
C SER N 33 26.02 24.49 -0.28
N ASP N 34 26.03 23.44 -1.11
CA ASP N 34 27.19 22.55 -1.18
C ASP N 34 28.39 23.32 -1.73
N GLU N 35 28.11 24.25 -2.64
CA GLU N 35 29.18 25.05 -3.24
C GLU N 35 29.88 25.80 -2.11
N LEU N 36 29.10 26.53 -1.32
CA LEU N 36 29.63 27.27 -0.19
C LEU N 36 30.38 26.35 0.77
N LEU N 37 29.77 25.23 1.14
CA LEU N 37 30.40 24.29 2.07
C LEU N 37 31.72 23.74 1.57
N HIS N 38 31.83 23.50 0.26
CA HIS N 38 33.08 22.98 -0.28
C HIS N 38 34.07 24.09 -0.57
N ASN N 39 33.69 25.31 -0.20
CA ASN N 39 34.52 26.48 -0.37
C ASN N 39 35.08 26.86 0.98
N VAL N 40 34.37 26.44 2.02
CA VAL N 40 34.70 26.70 3.42
C VAL N 40 36.16 26.34 3.74
N LEU O 1 34.97 34.30 21.52
CA LEU O 1 34.02 34.22 22.67
C LEU O 1 32.58 34.22 22.16
N HIS O 2 32.29 35.21 21.32
CA HIS O 2 31.00 35.41 20.70
C HIS O 2 30.89 34.44 19.54
N LEU O 3 32.05 33.98 19.09
CA LEU O 3 32.11 33.04 17.98
C LEU O 3 31.58 31.71 18.48
N GLU O 4 31.79 31.41 19.77
CA GLU O 4 31.30 30.16 20.34
C GLU O 4 29.77 30.20 20.26
N GLY O 5 29.21 31.38 20.48
CA GLY O 5 27.78 31.56 20.41
C GLY O 5 27.31 31.56 18.96
N GLU O 6 28.16 32.05 18.08
CA GLU O 6 27.84 32.09 16.66
C GLU O 6 27.53 30.64 16.24
N VAL O 7 28.48 29.76 16.55
CA VAL O 7 28.39 28.34 16.25
C VAL O 7 27.22 27.64 16.92
N ASN O 8 26.88 28.02 18.15
CA ASN O 8 25.77 27.39 18.82
C ASN O 8 24.43 27.78 18.20
N LYS O 9 24.31 29.03 17.77
CA LYS O 9 23.06 29.49 17.17
C LYS O 9 22.85 28.78 15.83
N ILE O 10 23.94 28.58 15.09
CA ILE O 10 23.84 27.89 13.81
C ILE O 10 23.45 26.45 14.07
N LYS O 11 23.99 25.88 15.13
CA LYS O 11 23.68 24.50 15.49
C LYS O 11 22.18 24.35 15.78
N SER O 12 21.60 25.26 16.56
CA SER O 12 20.19 25.18 16.89
C SER O 12 19.33 25.41 15.65
N ALA O 13 19.83 26.24 14.74
CA ALA O 13 19.10 26.52 13.52
C ALA O 13 19.05 25.25 12.65
N LEU O 14 20.16 24.52 12.59
CA LEU O 14 20.26 23.30 11.79
C LEU O 14 19.29 22.26 12.35
N LEU O 15 19.31 22.10 13.68
CA LEU O 15 18.42 21.16 14.34
C LEU O 15 16.98 21.47 13.98
N SER O 16 16.65 22.75 13.89
CA SER O 16 15.30 23.16 13.53
C SER O 16 15.04 22.88 12.03
N THR O 17 16.08 22.99 11.20
CA THR O 17 15.98 22.73 9.76
C THR O 17 15.80 21.23 9.53
N ASN O 18 16.48 20.43 10.35
CA ASN O 18 16.37 18.99 10.25
C ASN O 18 14.96 18.56 10.57
N LYS O 19 14.35 19.23 11.55
CA LYS O 19 12.98 18.91 11.95
C LYS O 19 12.01 19.27 10.82
N ALA O 20 12.31 20.33 10.08
CA ALA O 20 11.43 20.72 9.00
C ALA O 20 11.45 19.61 7.95
N VAL O 21 12.63 19.04 7.70
CA VAL O 21 12.76 17.98 6.71
C VAL O 21 12.04 16.72 7.16
N VAL O 22 12.20 16.37 8.44
CA VAL O 22 11.51 15.20 8.98
C VAL O 22 10.00 15.39 8.81
N SER O 23 9.51 16.58 9.13
CA SER O 23 8.08 16.83 9.01
C SER O 23 7.57 16.81 7.55
N LEU O 24 8.37 17.27 6.60
CA LEU O 24 7.95 17.27 5.20
C LEU O 24 7.96 15.81 4.68
N SER O 25 8.93 15.04 5.13
CA SER O 25 9.04 13.64 4.75
C SER O 25 7.77 12.91 5.19
N ASN O 26 7.34 13.15 6.42
CA ASN O 26 6.14 12.52 6.94
C ASN O 26 4.95 12.93 6.08
N GLY O 27 4.94 14.18 5.64
CA GLY O 27 3.85 14.65 4.80
C GLY O 27 3.86 13.90 3.48
N VAL O 28 5.02 13.85 2.85
CA VAL O 28 5.17 13.17 1.59
C VAL O 28 4.82 11.68 1.72
N SER O 29 5.15 11.10 2.87
CA SER O 29 4.87 9.68 3.09
C SER O 29 3.38 9.43 3.09
N VAL O 30 2.63 10.30 3.74
CA VAL O 30 1.18 10.12 3.75
C VAL O 30 0.54 10.39 2.38
N LEU O 31 1.02 11.40 1.67
CA LEU O 31 0.51 11.76 0.34
C LEU O 31 0.73 10.61 -0.65
N THR O 32 1.90 10.01 -0.57
CA THR O 32 2.27 8.90 -1.43
C THR O 32 1.29 7.73 -1.22
N SER O 33 0.91 7.47 0.03
CA SER O 33 0.01 6.37 0.30
C SER O 33 -1.39 6.68 -0.25
N LYS O 34 -1.78 7.93 -0.24
CA LYS O 34 -3.09 8.29 -0.76
C LYS O 34 -3.12 8.19 -2.29
N VAL O 35 -1.98 8.45 -2.92
CA VAL O 35 -1.87 8.37 -4.36
C VAL O 35 -2.00 6.89 -4.73
N LEU O 36 -1.40 6.04 -3.92
CA LEU O 36 -1.47 4.61 -4.15
C LEU O 36 -2.92 4.14 -4.01
N ASP O 37 -3.62 4.66 -3.00
CA ASP O 37 -5.02 4.29 -2.80
C ASP O 37 -5.84 4.61 -4.06
N LEU O 38 -5.63 5.79 -4.63
CA LEU O 38 -6.36 6.20 -5.83
C LEU O 38 -6.08 5.21 -6.94
N LYS O 39 -4.81 4.91 -7.16
CA LYS O 39 -4.43 3.97 -8.18
C LYS O 39 -5.08 2.61 -7.91
N ASN O 40 -5.10 2.18 -6.66
CA ASN O 40 -5.70 0.90 -6.35
C ASN O 40 -7.22 0.98 -6.48
N TYR O 41 -7.77 2.18 -6.31
CA TYR O 41 -9.21 2.31 -6.42
C TYR O 41 -9.61 2.18 -7.88
N ILE O 42 -8.89 2.92 -8.72
CA ILE O 42 -9.13 2.93 -10.17
C ILE O 42 -8.97 1.52 -10.71
N ASP O 43 -7.83 0.91 -10.42
CA ASP O 43 -7.50 -0.43 -10.88
C ASP O 43 -8.45 -1.55 -10.41
N LYS O 44 -8.70 -1.62 -9.11
CA LYS O 44 -9.53 -2.68 -8.54
C LYS O 44 -11.03 -2.45 -8.39
N GLN O 45 -11.46 -1.21 -8.25
CA GLN O 45 -12.88 -0.92 -8.08
C GLN O 45 -13.58 -0.42 -9.34
N LEU O 46 -13.05 0.69 -9.87
CA LEU O 46 -13.61 1.34 -11.04
C LEU O 46 -13.52 0.58 -12.36
N LEU O 47 -12.31 0.19 -12.78
CA LEU O 47 -12.16 -0.51 -14.06
C LEU O 47 -13.04 -1.74 -14.26
N PRO O 48 -13.26 -2.53 -13.20
CA PRO O 48 -14.12 -3.71 -13.38
C PRO O 48 -15.50 -3.43 -13.94
N ILE O 49 -16.07 -2.28 -13.61
CA ILE O 49 -17.38 -1.93 -14.12
C ILE O 49 -17.22 -1.03 -15.36
N VAL O 50 -16.27 -0.11 -15.34
CA VAL O 50 -16.05 0.75 -16.47
C VAL O 50 -14.88 0.08 -17.25
N PRO P 4 -21.99 -2.04 -6.54
CA PRO P 4 -22.34 -0.64 -6.38
C PRO P 4 -21.07 -0.10 -5.78
N LEU P 5 -20.60 0.91 -6.48
CA LEU P 5 -19.36 1.59 -6.22
C LEU P 5 -19.42 2.73 -5.21
N VAL P 6 -18.43 2.79 -4.33
CA VAL P 6 -18.37 3.83 -3.29
C VAL P 6 -16.91 4.18 -2.97
N PHE P 7 -16.60 5.46 -2.75
CA PHE P 7 -15.23 5.90 -2.43
C PHE P 7 -15.01 6.26 -0.94
N PRO P 8 -13.91 5.79 -0.33
CA PRO P 8 -13.57 6.07 1.09
C PRO P 8 -13.14 7.51 1.23
N SER P 9 -14.10 8.43 1.07
CA SER P 9 -13.90 9.88 1.10
C SER P 9 -13.45 10.65 2.35
N ASP P 10 -14.05 10.33 3.49
CA ASP P 10 -13.74 11.01 4.73
C ASP P 10 -12.34 10.64 5.26
N GLU P 11 -11.88 9.42 5.00
CA GLU P 11 -10.55 9.04 5.46
C GLU P 11 -9.54 9.72 4.54
N PHE P 12 -9.85 9.77 3.25
CA PHE P 12 -8.96 10.39 2.27
C PHE P 12 -8.71 11.87 2.59
N ASP P 13 -9.79 12.58 2.91
CA ASP P 13 -9.73 14.00 3.24
C ASP P 13 -8.94 14.26 4.52
N ALA P 14 -9.19 13.44 5.53
CA ALA P 14 -8.51 13.55 6.82
C ALA P 14 -7.02 13.44 6.59
N SER P 15 -6.65 12.45 5.79
CA SER P 15 -5.27 12.18 5.47
C SER P 15 -4.64 13.37 4.70
N ILE P 16 -5.39 13.94 3.77
CA ILE P 16 -4.89 15.09 2.99
C ILE P 16 -4.60 16.28 3.91
N SER P 17 -5.45 16.47 4.91
CA SER P 17 -5.26 17.55 5.86
C SER P 17 -4.06 17.25 6.76
N GLN P 18 -3.80 15.98 7.00
CA GLN P 18 -2.68 15.56 7.83
C GLN P 18 -1.42 15.96 7.06
N VAL P 19 -1.50 15.88 5.73
CA VAL P 19 -0.37 16.23 4.88
C VAL P 19 -0.08 17.73 4.94
N ASN P 20 -1.12 18.55 4.91
CA ASN P 20 -0.96 19.99 4.97
C ASN P 20 -0.47 20.45 6.34
N GLU P 21 -0.88 19.72 7.37
CA GLU P 21 -0.44 20.02 8.73
C GLU P 21 1.08 19.85 8.79
N LYS P 22 1.58 18.78 8.21
CA LYS P 22 3.02 18.52 8.20
C LYS P 22 3.81 19.54 7.36
N ILE P 23 3.21 20.00 6.25
CA ILE P 23 3.89 20.96 5.39
C ILE P 23 3.99 22.28 6.15
N ASN P 24 2.93 22.61 6.88
CA ASN P 24 2.92 23.85 7.66
C ASN P 24 3.92 23.78 8.80
N GLN P 25 4.01 22.63 9.47
CA GLN P 25 4.98 22.50 10.55
C GLN P 25 6.36 22.69 9.92
N SER P 26 6.53 22.14 8.71
CA SER P 26 7.81 22.23 8.02
C SER P 26 8.22 23.68 7.83
N LEU P 27 7.28 24.50 7.39
CA LEU P 27 7.56 25.91 7.17
C LEU P 27 7.83 26.62 8.50
N ALA P 28 7.08 26.25 9.54
CA ALA P 28 7.26 26.84 10.85
C ALA P 28 8.67 26.57 11.33
N PHE P 29 9.12 25.32 11.23
CA PHE P 29 10.47 24.97 11.65
C PHE P 29 11.57 25.74 10.90
N ILE P 30 11.35 26.02 9.62
CA ILE P 30 12.33 26.77 8.83
C ILE P 30 12.24 28.24 9.19
N ARG P 31 11.04 28.65 9.59
CA ARG P 31 10.76 30.03 9.98
C ARG P 31 11.65 30.36 11.19
N LYS P 32 11.70 29.41 12.12
CA LYS P 32 12.48 29.52 13.34
C LYS P 32 13.99 29.40 13.07
N SER P 33 14.36 28.59 12.08
CA SER P 33 15.76 28.41 11.75
C SER P 33 16.36 29.69 11.17
N ASP P 34 15.58 30.34 10.30
CA ASP P 34 16.01 31.58 9.67
C ASP P 34 16.12 32.68 10.71
N GLU P 35 15.13 32.78 11.60
CA GLU P 35 15.12 33.78 12.65
C GLU P 35 16.44 33.75 13.41
N LEU P 36 16.90 32.55 13.76
CA LEU P 36 18.15 32.42 14.48
C LEU P 36 19.36 32.81 13.64
N LEU P 37 19.34 32.43 12.37
CA LEU P 37 20.45 32.74 11.49
C LEU P 37 20.63 34.23 11.28
N HIS P 38 19.53 34.97 11.25
CA HIS P 38 19.59 36.42 11.06
C HIS P 38 20.10 37.13 12.31
N ASN P 39 20.45 36.34 13.33
CA ASN P 39 20.95 36.87 14.60
C ASN P 39 22.46 36.70 14.78
N VAL P 40 23.06 35.81 13.98
CA VAL P 40 24.50 35.54 14.05
C VAL P 40 25.32 36.82 14.15
N LEU Q 3 36.65 24.64 18.71
CA LEU Q 3 35.74 25.31 17.75
C LEU Q 3 36.08 24.87 16.31
N GLU Q 4 37.31 24.39 16.10
CA GLU Q 4 37.73 23.92 14.79
C GLU Q 4 37.14 22.53 14.58
N GLY Q 5 36.76 21.89 15.69
CA GLY Q 5 36.17 20.57 15.64
C GLY Q 5 34.65 20.66 15.59
N GLU Q 6 34.13 21.69 16.26
CA GLU Q 6 32.69 21.94 16.31
C GLU Q 6 32.20 22.43 14.95
N VAL Q 7 33.01 23.23 14.29
CA VAL Q 7 32.66 23.74 12.98
C VAL Q 7 32.78 22.66 11.92
N ASN Q 8 33.71 21.74 12.11
CA ASN Q 8 33.89 20.63 11.16
C ASN Q 8 32.72 19.64 11.27
N LYS Q 9 32.20 19.46 12.47
CA LYS Q 9 31.06 18.56 12.67
C LYS Q 9 29.81 19.21 12.10
N ILE Q 10 29.66 20.52 12.31
CA ILE Q 10 28.51 21.24 11.80
C ILE Q 10 28.48 21.28 10.27
N LYS Q 11 29.68 21.32 9.68
CA LYS Q 11 29.80 21.34 8.23
C LYS Q 11 29.37 19.97 7.71
N SER Q 12 29.90 18.92 8.31
CA SER Q 12 29.54 17.56 7.91
C SER Q 12 28.04 17.33 8.06
N ALA Q 13 27.48 17.82 9.16
CA ALA Q 13 26.05 17.65 9.42
C ALA Q 13 25.21 18.30 8.33
N LEU Q 14 25.58 19.52 7.95
CA LEU Q 14 24.85 20.26 6.92
C LEU Q 14 24.92 19.47 5.61
N LEU Q 15 26.11 19.01 5.25
CA LEU Q 15 26.28 18.21 4.04
C LEU Q 15 25.29 17.04 4.05
N SER Q 16 25.16 16.37 5.19
CA SER Q 16 24.24 15.24 5.31
C SER Q 16 22.80 15.71 5.18
N THR Q 17 22.51 16.90 5.72
CA THR Q 17 21.16 17.47 5.64
C THR Q 17 20.81 17.84 4.18
N ASN Q 18 21.82 18.26 3.43
CA ASN Q 18 21.63 18.65 2.04
C ASN Q 18 21.29 17.40 1.22
N LYS Q 19 21.95 16.29 1.55
CA LYS Q 19 21.68 15.05 0.86
C LYS Q 19 20.24 14.60 1.15
N ALA Q 20 19.77 14.86 2.37
CA ALA Q 20 18.41 14.49 2.74
C ALA Q 20 17.43 15.29 1.90
N VAL Q 21 17.73 16.56 1.66
CA VAL Q 21 16.85 17.39 0.86
C VAL Q 21 16.86 16.96 -0.61
N VAL Q 22 18.02 16.50 -1.10
CA VAL Q 22 18.10 16.05 -2.49
C VAL Q 22 17.32 14.72 -2.65
N SER Q 23 17.52 13.79 -1.71
CA SER Q 23 16.82 12.51 -1.73
C SER Q 23 15.30 12.67 -1.66
N LEU Q 24 14.83 13.61 -0.84
CA LEU Q 24 13.38 13.81 -0.72
C LEU Q 24 12.83 14.48 -1.96
N SER Q 25 13.62 15.38 -2.54
CA SER Q 25 13.26 16.10 -3.75
C SER Q 25 13.08 15.12 -4.92
N ASN Q 26 13.96 14.15 -5.03
CA ASN Q 26 13.85 13.16 -6.10
C ASN Q 26 12.59 12.33 -5.83
N GLY Q 27 12.35 12.03 -4.55
CA GLY Q 27 11.19 11.25 -4.18
C GLY Q 27 9.92 11.93 -4.63
N VAL Q 28 9.84 13.24 -4.39
CA VAL Q 28 8.66 14.02 -4.76
C VAL Q 28 8.53 14.12 -6.29
N SER Q 29 9.66 14.18 -6.98
CA SER Q 29 9.69 14.23 -8.44
C SER Q 29 9.00 12.99 -9.03
N VAL Q 30 9.34 11.80 -8.54
CA VAL Q 30 8.72 10.57 -9.03
C VAL Q 30 7.23 10.56 -8.71
N LEU Q 31 6.87 10.97 -7.50
CA LEU Q 31 5.48 10.98 -7.07
C LEU Q 31 4.64 11.89 -7.94
N THR Q 32 5.20 13.05 -8.28
CA THR Q 32 4.51 14.04 -9.08
C THR Q 32 4.14 13.50 -10.46
N SER Q 33 5.03 12.74 -11.07
CA SER Q 33 4.73 12.19 -12.39
C SER Q 33 3.70 11.06 -12.27
N LYS Q 34 3.65 10.38 -11.13
CA LYS Q 34 2.64 9.34 -10.97
C LYS Q 34 1.29 9.99 -10.79
N VAL Q 35 1.27 11.22 -10.31
CA VAL Q 35 0.02 11.94 -10.12
C VAL Q 35 -0.47 12.46 -11.47
N LEU Q 36 0.48 12.78 -12.34
CA LEU Q 36 0.14 13.28 -13.68
C LEU Q 36 -0.38 12.08 -14.45
N ASP Q 37 0.26 10.94 -14.24
CA ASP Q 37 -0.13 9.70 -14.87
C ASP Q 37 -1.58 9.38 -14.54
N LEU Q 38 -1.91 9.44 -13.25
CA LEU Q 38 -3.29 9.15 -12.82
C LEU Q 38 -4.26 10.11 -13.48
N LYS Q 39 -3.85 11.36 -13.58
CA LYS Q 39 -4.70 12.36 -14.19
C LYS Q 39 -4.93 12.06 -15.67
N ASN Q 40 -3.88 11.61 -16.35
CA ASN Q 40 -4.01 11.30 -17.77
C ASN Q 40 -4.78 10.01 -18.03
N TYR Q 41 -4.62 9.04 -17.15
CA TYR Q 41 -5.31 7.79 -17.33
C TYR Q 41 -6.81 8.03 -17.22
N ILE Q 42 -7.19 8.96 -16.36
CA ILE Q 42 -8.61 9.28 -16.17
C ILE Q 42 -9.12 10.05 -17.38
N ASP Q 43 -8.34 11.04 -17.79
CA ASP Q 43 -8.67 11.89 -18.92
C ASP Q 43 -8.66 11.18 -20.28
N LYS Q 44 -7.53 10.56 -20.62
CA LYS Q 44 -7.38 9.89 -21.91
C LYS Q 44 -7.90 8.46 -22.05
N GLN Q 45 -7.97 7.72 -20.95
CA GLN Q 45 -8.43 6.34 -21.01
C GLN Q 45 -9.82 6.08 -20.44
N LEU Q 46 -10.06 6.54 -19.23
CA LEU Q 46 -11.32 6.32 -18.54
C LEU Q 46 -12.53 7.12 -19.04
N LEU Q 47 -12.39 8.44 -19.14
CA LEU Q 47 -13.50 9.28 -19.58
C LEU Q 47 -14.04 8.95 -20.98
N PRO Q 48 -13.16 8.61 -21.93
CA PRO Q 48 -13.71 8.29 -23.25
C PRO Q 48 -14.74 7.17 -23.16
N ILE Q 49 -14.39 6.09 -22.46
CA ILE Q 49 -15.30 4.97 -22.30
C ILE Q 49 -16.46 5.36 -21.39
N VAL Q 50 -16.18 5.85 -20.19
CA VAL Q 50 -17.26 6.30 -19.33
C VAL Q 50 -17.86 7.39 -20.21
N ASN Q 51 -19.01 7.95 -19.85
CA ASN Q 51 -19.57 9.00 -20.69
C ASN Q 51 -20.06 8.36 -22.00
N PRO R 4 -10.59 -2.88 -24.15
CA PRO R 4 -10.47 -3.33 -22.74
C PRO R 4 -9.44 -2.47 -22.00
N LEU R 5 -9.78 -2.01 -20.81
CA LEU R 5 -8.85 -1.17 -20.05
C LEU R 5 -7.92 -1.92 -19.12
N VAL R 6 -6.62 -1.69 -19.31
CA VAL R 6 -5.57 -2.32 -18.51
C VAL R 6 -4.69 -1.23 -17.85
N PHE R 7 -4.81 -1.05 -16.54
CA PHE R 7 -4.01 -0.06 -15.84
C PHE R 7 -2.53 -0.46 -15.76
N PRO R 8 -1.61 0.49 -16.03
CA PRO R 8 -0.16 0.27 -16.00
C PRO R 8 0.38 0.19 -14.58
N SER R 9 -0.07 -0.84 -13.86
CA SER R 9 0.28 -1.09 -12.46
C SER R 9 1.69 -1.52 -12.06
N ASP R 10 2.28 -2.45 -12.81
CA ASP R 10 3.64 -2.92 -12.49
C ASP R 10 4.61 -1.75 -12.41
N GLU R 11 4.52 -0.84 -13.36
CA GLU R 11 5.42 0.28 -13.36
C GLU R 11 5.03 1.22 -12.23
N PHE R 12 3.73 1.46 -12.08
CA PHE R 12 3.25 2.35 -11.03
C PHE R 12 3.72 1.91 -9.64
N ASP R 13 3.52 0.64 -9.31
CA ASP R 13 3.93 0.10 -8.01
C ASP R 13 5.43 0.23 -7.77
N ALA R 14 6.21 0.04 -8.81
CA ALA R 14 7.65 0.13 -8.69
C ALA R 14 8.06 1.57 -8.34
N SER R 15 7.40 2.55 -8.96
CA SER R 15 7.69 3.96 -8.71
C SER R 15 7.27 4.39 -7.30
N ILE R 16 6.08 3.97 -6.90
CA ILE R 16 5.63 4.29 -5.55
C ILE R 16 6.67 3.73 -4.57
N SER R 17 7.21 2.56 -4.89
CA SER R 17 8.23 1.92 -4.04
C SER R 17 9.52 2.73 -4.00
N GLN R 18 9.87 3.36 -5.12
CA GLN R 18 11.06 4.18 -5.18
C GLN R 18 10.90 5.41 -4.29
N VAL R 19 9.74 6.05 -4.38
CA VAL R 19 9.45 7.23 -3.57
C VAL R 19 9.69 6.84 -2.11
N ASN R 20 8.96 5.83 -1.64
CA ASN R 20 9.12 5.37 -0.27
C ASN R 20 10.58 5.04 0.09
N GLU R 21 11.37 4.63 -0.88
CA GLU R 21 12.76 4.30 -0.63
C GLU R 21 13.62 5.57 -0.51
N LYS R 22 13.20 6.64 -1.19
CA LYS R 22 13.90 7.91 -1.15
C LYS R 22 13.57 8.59 0.15
N ILE R 23 12.32 8.39 0.61
CA ILE R 23 11.89 8.98 1.85
C ILE R 23 12.71 8.37 2.98
N ASN R 24 12.97 7.06 2.91
CA ASN R 24 13.79 6.46 3.95
C ASN R 24 15.22 6.96 3.88
N GLN R 25 15.76 7.08 2.67
CA GLN R 25 17.11 7.54 2.47
C GLN R 25 17.28 8.93 3.08
N SER R 26 16.31 9.80 2.82
CA SER R 26 16.29 11.15 3.31
C SER R 26 16.32 11.17 4.84
N LEU R 27 15.39 10.45 5.45
CA LEU R 27 15.33 10.38 6.91
C LEU R 27 16.62 9.81 7.48
N ALA R 28 17.26 8.89 6.76
CA ALA R 28 18.51 8.31 7.21
C ALA R 28 19.62 9.36 7.23
N PHE R 29 19.63 10.23 6.23
CA PHE R 29 20.64 11.29 6.16
C PHE R 29 20.38 12.34 7.24
N ILE R 30 19.12 12.54 7.63
CA ILE R 30 18.80 13.50 8.67
C ILE R 30 19.24 12.94 10.02
N ARG R 31 19.12 11.63 10.16
CA ARG R 31 19.52 10.93 11.38
C ARG R 31 21.02 11.09 11.59
N LYS R 32 21.79 10.96 10.51
CA LYS R 32 23.23 11.10 10.59
C LYS R 32 23.59 12.55 10.93
N SER R 33 22.83 13.48 10.37
CA SER R 33 23.07 14.89 10.65
C SER R 33 22.82 15.19 12.13
N ASP R 34 21.71 14.70 12.66
CA ASP R 34 21.39 14.92 14.08
C ASP R 34 22.48 14.27 14.95
N GLU R 35 22.90 13.07 14.59
CA GLU R 35 23.94 12.38 15.35
C GLU R 35 25.18 13.25 15.57
N LEU R 36 25.66 13.90 14.52
CA LEU R 36 26.84 14.75 14.62
C LEU R 36 26.52 15.95 15.53
N LEU R 37 25.44 16.66 15.22
CA LEU R 37 25.07 17.82 16.00
C LEU R 37 24.96 17.55 17.50
N HIS R 38 24.37 16.42 17.86
CA HIS R 38 24.24 16.12 19.27
C HIS R 38 25.57 15.71 19.89
N ASN R 39 26.51 15.30 19.04
CA ASN R 39 27.83 14.92 19.50
C ASN R 39 28.67 16.19 19.50
N VAL R 40 28.16 17.23 18.83
CA VAL R 40 28.83 18.53 18.73
C VAL R 40 29.30 19.02 20.09
N HIS S 2 10.55 -35.31 -14.39
CA HIS S 2 10.15 -33.97 -13.90
C HIS S 2 11.00 -32.88 -14.58
N LEU S 3 12.29 -33.12 -14.69
CA LEU S 3 13.20 -32.16 -15.32
C LEU S 3 12.66 -31.63 -16.64
N GLU S 4 11.98 -32.47 -17.40
CA GLU S 4 11.44 -32.02 -18.67
C GLU S 4 10.50 -30.85 -18.37
N GLY S 5 9.69 -31.04 -17.34
CA GLY S 5 8.74 -30.02 -16.92
C GLY S 5 9.37 -28.73 -16.46
N GLU S 6 10.52 -28.81 -15.80
CA GLU S 6 11.20 -27.60 -15.33
C GLU S 6 11.82 -26.90 -16.52
N VAL S 7 12.51 -27.68 -17.34
CA VAL S 7 13.13 -27.16 -18.55
C VAL S 7 11.97 -26.56 -19.33
N ASN S 8 10.77 -27.05 -19.04
CA ASN S 8 9.56 -26.58 -19.70
C ASN S 8 9.09 -25.22 -19.16
N LYS S 9 9.38 -24.97 -17.88
CA LYS S 9 9.01 -23.71 -17.27
C LYS S 9 10.02 -22.65 -17.71
N ILE S 10 11.30 -23.00 -17.63
CA ILE S 10 12.36 -22.09 -18.03
C ILE S 10 12.11 -21.62 -19.47
N LYS S 11 11.73 -22.56 -20.32
CA LYS S 11 11.46 -22.24 -21.71
C LYS S 11 10.33 -21.22 -21.82
N SER S 12 9.27 -21.42 -21.05
CA SER S 12 8.14 -20.51 -21.06
C SER S 12 8.53 -19.15 -20.51
N ALA S 13 9.39 -19.16 -19.50
CA ALA S 13 9.86 -17.93 -18.89
C ALA S 13 10.63 -17.10 -19.92
N LEU S 14 11.59 -17.74 -20.58
CA LEU S 14 12.42 -17.09 -21.57
C LEU S 14 11.56 -16.49 -22.68
N LEU S 15 10.50 -17.18 -23.06
CA LEU S 15 9.60 -16.69 -24.10
C LEU S 15 8.87 -15.43 -23.66
N SER S 16 8.76 -15.23 -22.36
CA SER S 16 8.09 -14.05 -21.84
C SER S 16 9.14 -12.95 -21.77
N THR S 17 10.32 -13.32 -21.28
CA THR S 17 11.45 -12.41 -21.16
C THR S 17 11.69 -11.75 -22.51
N ASN S 18 11.70 -12.57 -23.56
CA ASN S 18 11.91 -12.10 -24.93
C ASN S 18 10.84 -11.11 -25.32
N LYS S 19 9.60 -11.39 -24.90
CA LYS S 19 8.49 -10.49 -25.20
C LYS S 19 8.68 -9.16 -24.46
N ALA S 20 9.40 -9.20 -23.36
CA ALA S 20 9.66 -7.99 -22.57
C ALA S 20 10.65 -7.15 -23.35
N VAL S 21 11.73 -7.78 -23.79
CA VAL S 21 12.75 -7.09 -24.56
C VAL S 21 12.14 -6.46 -25.81
N VAL S 22 11.26 -7.19 -26.49
CA VAL S 22 10.63 -6.68 -27.70
C VAL S 22 9.75 -5.48 -27.40
N SER S 23 8.95 -5.56 -26.34
CA SER S 23 8.09 -4.42 -26.03
C SER S 23 8.93 -3.20 -25.64
N LEU S 24 10.03 -3.43 -24.93
CA LEU S 24 10.90 -2.32 -24.52
C LEU S 24 11.55 -1.73 -25.78
N SER S 25 11.99 -2.61 -26.68
CA SER S 25 12.60 -2.16 -27.93
C SER S 25 11.62 -1.25 -28.65
N ASN S 26 10.36 -1.69 -28.72
CA ASN S 26 9.34 -0.89 -29.40
C ASN S 26 9.11 0.45 -28.71
N GLY S 27 9.17 0.48 -27.38
CA GLY S 27 9.00 1.73 -26.67
C GLY S 27 10.14 2.67 -27.02
N VAL S 28 11.35 2.11 -27.09
CA VAL S 28 12.50 2.91 -27.41
C VAL S 28 12.45 3.44 -28.86
N SER S 29 11.97 2.62 -29.80
CA SER S 29 11.86 3.04 -31.21
C SER S 29 11.05 4.31 -31.32
N VAL S 30 9.90 4.30 -30.65
CA VAL S 30 9.01 5.43 -30.65
C VAL S 30 9.60 6.63 -29.91
N LEU S 31 10.37 6.37 -28.85
CA LEU S 31 10.97 7.45 -28.08
C LEU S 31 11.98 8.14 -28.97
N THR S 32 12.78 7.34 -29.64
CA THR S 32 13.79 7.83 -30.54
C THR S 32 13.22 8.75 -31.64
N SER S 33 12.06 8.38 -32.18
CA SER S 33 11.43 9.17 -33.23
C SER S 33 10.92 10.50 -32.68
N LYS S 34 10.49 10.51 -31.42
CA LYS S 34 10.01 11.75 -30.83
C LYS S 34 11.20 12.67 -30.54
N VAL S 35 12.34 12.06 -30.19
CA VAL S 35 13.55 12.82 -29.90
C VAL S 35 13.99 13.49 -31.20
N LEU S 36 13.90 12.74 -32.31
CA LEU S 36 14.28 13.28 -33.61
C LEU S 36 13.32 14.40 -34.02
N ASP S 37 12.05 14.28 -33.62
CA ASP S 37 11.04 15.30 -33.93
C ASP S 37 11.37 16.60 -33.21
N LEU S 38 11.82 16.49 -31.95
CA LEU S 38 12.18 17.66 -31.18
C LEU S 38 13.37 18.36 -31.81
N LYS S 39 14.37 17.58 -32.22
CA LYS S 39 15.55 18.14 -32.85
C LYS S 39 15.21 18.85 -34.17
N ASN S 40 14.30 18.28 -34.95
CA ASN S 40 13.93 18.91 -36.20
C ASN S 40 13.11 20.17 -35.93
N TYR S 41 12.21 20.10 -34.94
CA TYR S 41 11.38 21.26 -34.61
C TYR S 41 12.25 22.42 -34.12
N ILE S 42 13.33 22.11 -33.42
CA ILE S 42 14.22 23.16 -32.94
C ILE S 42 15.00 23.74 -34.11
N ASP S 43 15.55 22.85 -34.93
CA ASP S 43 16.34 23.25 -36.08
C ASP S 43 15.56 23.99 -37.18
N LYS S 44 14.54 23.32 -37.73
CA LYS S 44 13.72 23.86 -38.82
C LYS S 44 12.64 24.89 -38.51
N GLN S 45 12.06 24.84 -37.31
CA GLN S 45 10.99 25.75 -36.95
C GLN S 45 11.40 26.91 -36.03
N LEU S 46 12.07 26.55 -34.94
CA LEU S 46 12.46 27.53 -33.93
C LEU S 46 13.64 28.44 -34.28
N LEU S 47 14.78 27.85 -34.61
CA LEU S 47 15.95 28.66 -34.93
C LEU S 47 15.71 29.73 -35.99
N PRO S 48 15.04 29.37 -37.10
CA PRO S 48 14.79 30.39 -38.13
C PRO S 48 14.12 31.68 -37.64
N ILE S 49 13.08 31.55 -36.82
CA ILE S 49 12.36 32.73 -36.32
C ILE S 49 13.20 33.59 -35.39
N VAL S 50 14.21 32.99 -34.76
CA VAL S 50 15.04 33.73 -33.81
C VAL S 50 16.19 34.57 -34.36
N ASN S 51 15.97 35.28 -35.47
CA ASN S 51 17.02 36.12 -36.03
C ASN S 51 16.53 37.55 -36.30
N PRO T 4 1.79 31.63 -36.71
CA PRO T 4 2.19 31.36 -35.31
C PRO T 4 2.99 30.07 -35.26
N LEU T 5 3.84 29.93 -34.24
CA LEU T 5 4.63 28.72 -34.10
C LEU T 5 3.86 27.76 -33.21
N VAL T 6 3.09 26.89 -33.85
CA VAL T 6 2.28 25.88 -33.17
C VAL T 6 3.07 24.58 -33.06
N PHE T 7 3.02 23.95 -31.89
CA PHE T 7 3.72 22.68 -31.70
C PHE T 7 2.72 21.52 -31.66
N PRO T 8 3.03 20.40 -32.35
CA PRO T 8 2.22 19.17 -32.45
C PRO T 8 2.19 18.41 -31.13
N SER T 9 1.67 19.05 -30.10
CA SER T 9 1.59 18.56 -28.72
C SER T 9 0.70 17.34 -28.31
N ASP T 10 -0.50 17.22 -28.87
CA ASP T 10 -1.36 16.10 -28.50
C ASP T 10 -0.90 14.79 -29.17
N GLU T 11 -0.19 14.90 -30.29
CA GLU T 11 0.32 13.69 -30.93
C GLU T 11 1.51 13.28 -30.09
N PHE T 12 2.36 14.25 -29.75
CA PHE T 12 3.55 13.99 -28.96
C PHE T 12 3.14 13.30 -27.65
N ASP T 13 2.14 13.83 -26.96
CA ASP T 13 1.67 13.22 -25.72
C ASP T 13 1.17 11.78 -25.94
N ALA T 14 0.37 11.57 -26.98
CA ALA T 14 -0.15 10.23 -27.27
C ALA T 14 0.99 9.27 -27.54
N SER T 15 2.01 9.75 -28.25
CA SER T 15 3.17 8.92 -28.55
C SER T 15 3.94 8.58 -27.27
N ILE T 16 4.14 9.57 -26.40
CA ILE T 16 4.86 9.32 -25.15
C ILE T 16 4.07 8.30 -24.32
N SER T 17 2.75 8.46 -24.32
CA SER T 17 1.86 7.56 -23.58
C SER T 17 2.05 6.13 -24.06
N GLN T 18 2.30 6.00 -25.35
CA GLN T 18 2.52 4.69 -25.95
C GLN T 18 3.83 4.08 -25.49
N VAL T 19 4.86 4.91 -25.33
CA VAL T 19 6.15 4.39 -24.87
C VAL T 19 5.99 3.84 -23.44
N ASN T 20 5.33 4.61 -22.58
CA ASN T 20 5.11 4.18 -21.20
C ASN T 20 4.31 2.88 -21.14
N GLU T 21 3.30 2.74 -21.99
CA GLU T 21 2.50 1.53 -22.04
C GLU T 21 3.40 0.35 -22.38
N LYS T 22 4.32 0.59 -23.31
CA LYS T 22 5.28 -0.43 -23.73
C LYS T 22 6.24 -0.80 -22.58
N ILE T 23 6.64 0.20 -21.81
CA ILE T 23 7.54 -0.05 -20.70
C ILE T 23 6.80 -0.89 -19.67
N ASN T 24 5.54 -0.55 -19.41
CA ASN T 24 4.75 -1.28 -18.45
C ASN T 24 4.69 -2.73 -18.88
N GLN T 25 4.27 -2.94 -20.13
CA GLN T 25 4.17 -4.28 -20.71
C GLN T 25 5.43 -5.07 -20.45
N SER T 26 6.58 -4.44 -20.64
CA SER T 26 7.86 -5.11 -20.41
C SER T 26 7.99 -5.60 -18.96
N LEU T 27 7.64 -4.74 -18.01
CA LEU T 27 7.71 -5.13 -16.61
C LEU T 27 6.75 -6.30 -16.36
N ALA T 28 5.54 -6.17 -16.87
CA ALA T 28 4.54 -7.23 -16.70
C ALA T 28 5.07 -8.57 -17.23
N PHE T 29 5.68 -8.56 -18.42
CA PHE T 29 6.21 -9.80 -18.99
C PHE T 29 7.36 -10.38 -18.18
N ILE T 30 8.10 -9.52 -17.48
CA ILE T 30 9.22 -10.03 -16.68
C ILE T 30 8.67 -10.63 -15.41
N ARG T 31 7.61 -10.02 -14.90
CA ARG T 31 6.96 -10.51 -13.69
C ARG T 31 6.48 -11.94 -13.95
N LYS T 32 5.78 -12.14 -15.08
CA LYS T 32 5.29 -13.46 -15.44
C LYS T 32 6.46 -14.44 -15.56
N SER T 33 7.55 -13.98 -16.17
CA SER T 33 8.73 -14.82 -16.30
C SER T 33 9.30 -15.21 -14.93
N ASP T 34 9.41 -14.24 -14.03
CA ASP T 34 9.93 -14.53 -12.70
C ASP T 34 9.00 -15.54 -12.02
N GLU T 35 7.70 -15.33 -12.22
CA GLU T 35 6.64 -16.20 -11.68
C GLU T 35 6.89 -17.66 -12.08
N LEU T 36 6.94 -17.91 -13.37
CA LEU T 36 7.19 -19.25 -13.89
C LEU T 36 8.46 -19.83 -13.29
N LEU T 37 9.53 -19.04 -13.32
CA LEU T 37 10.83 -19.47 -12.80
C LEU T 37 10.81 -19.90 -11.34
N HIS T 38 10.06 -19.19 -10.51
CA HIS T 38 9.97 -19.54 -9.10
C HIS T 38 9.10 -20.78 -8.91
N ASN T 39 8.27 -21.03 -9.91
CA ASN T 39 7.38 -22.18 -9.89
C ASN T 39 8.13 -23.46 -10.22
N VAL T 40 9.34 -23.31 -10.78
CA VAL T 40 10.18 -24.45 -11.15
C VAL T 40 10.33 -25.47 -10.01
N ASN T 41 11.49 -25.47 -9.35
CA ASN T 41 11.75 -26.42 -8.27
C ASN T 41 11.27 -25.98 -6.89
N LEU U 3 17.43 -34.59 -23.24
CA LEU U 3 17.39 -33.53 -22.20
C LEU U 3 18.78 -32.93 -21.99
N GLU U 4 19.71 -33.38 -22.82
CA GLU U 4 21.07 -32.87 -22.81
C GLU U 4 21.03 -31.84 -23.93
N GLY U 5 20.30 -32.19 -24.99
CA GLY U 5 20.16 -31.32 -26.14
C GLY U 5 19.28 -30.09 -25.96
N GLU U 6 18.05 -30.28 -25.51
CA GLU U 6 17.14 -29.16 -25.30
C GLU U 6 17.73 -28.09 -24.40
N VAL U 7 18.32 -28.51 -23.28
CA VAL U 7 18.93 -27.56 -22.38
C VAL U 7 19.98 -26.76 -23.15
N ASN U 8 20.59 -27.42 -24.13
CA ASN U 8 21.62 -26.79 -24.96
C ASN U 8 21.00 -25.68 -25.81
N LYS U 9 19.79 -25.93 -26.32
CA LYS U 9 19.09 -24.96 -27.15
C LYS U 9 18.71 -23.72 -26.34
N ILE U 10 18.25 -23.96 -25.11
CA ILE U 10 17.84 -22.88 -24.22
C ILE U 10 19.03 -22.00 -23.83
N LYS U 11 20.19 -22.62 -23.67
CA LYS U 11 21.39 -21.88 -23.32
C LYS U 11 21.74 -20.93 -24.47
N SER U 12 21.70 -21.44 -25.70
CA SER U 12 22.01 -20.65 -26.88
C SER U 12 20.97 -19.55 -27.09
N ALA U 13 19.73 -19.82 -26.70
CA ALA U 13 18.65 -18.85 -26.84
C ALA U 13 18.85 -17.73 -25.83
N LEU U 14 19.21 -18.09 -24.60
CA LEU U 14 19.42 -17.09 -23.57
C LEU U 14 20.58 -16.21 -24.01
N LEU U 15 21.62 -16.84 -24.53
CA LEU U 15 22.81 -16.13 -24.99
C LEU U 15 22.47 -15.10 -26.06
N SER U 16 21.43 -15.37 -26.85
CA SER U 16 21.00 -14.41 -27.87
C SER U 16 20.14 -13.35 -27.21
N THR U 17 19.33 -13.75 -26.23
CA THR U 17 18.49 -12.78 -25.54
C THR U 17 19.39 -11.78 -24.83
N ASN U 18 20.47 -12.28 -24.24
CA ASN U 18 21.40 -11.38 -23.54
C ASN U 18 22.01 -10.35 -24.50
N LYS U 19 22.53 -10.82 -25.62
CA LYS U 19 23.11 -9.91 -26.61
C LYS U 19 22.08 -8.87 -27.01
N ALA U 20 20.82 -9.28 -27.02
CA ALA U 20 19.74 -8.38 -27.39
C ALA U 20 19.61 -7.26 -26.36
N VAL U 21 19.78 -7.60 -25.10
CA VAL U 21 19.67 -6.58 -24.05
C VAL U 21 20.86 -5.64 -24.18
N VAL U 22 22.06 -6.21 -24.40
CA VAL U 22 23.28 -5.43 -24.56
C VAL U 22 23.15 -4.45 -25.75
N SER U 23 22.46 -4.86 -26.81
CA SER U 23 22.27 -3.99 -27.98
C SER U 23 21.29 -2.88 -27.71
N LEU U 24 20.20 -3.20 -27.02
CA LEU U 24 19.21 -2.18 -26.71
C LEU U 24 19.86 -1.16 -25.74
N SER U 25 20.60 -1.66 -24.76
CA SER U 25 21.28 -0.81 -23.78
C SER U 25 22.19 0.19 -24.51
N ASN U 26 23.00 -0.33 -25.43
CA ASN U 26 23.88 0.54 -26.19
C ASN U 26 23.02 1.55 -26.95
N GLY U 27 21.85 1.12 -27.39
CA GLY U 27 20.96 2.02 -28.08
C GLY U 27 20.51 3.14 -27.16
N VAL U 28 19.99 2.77 -26.00
CA VAL U 28 19.51 3.75 -25.04
C VAL U 28 20.65 4.67 -24.62
N SER U 29 21.87 4.14 -24.52
CA SER U 29 23.01 4.97 -24.15
C SER U 29 23.22 6.11 -25.12
N VAL U 30 23.24 5.80 -26.41
CA VAL U 30 23.43 6.87 -27.38
C VAL U 30 22.26 7.85 -27.32
N LEU U 31 21.05 7.31 -27.18
CA LEU U 31 19.85 8.13 -27.12
C LEU U 31 19.85 9.07 -25.93
N THR U 32 20.26 8.56 -24.77
CA THR U 32 20.28 9.38 -23.57
C THR U 32 21.22 10.58 -23.81
N SER U 33 22.40 10.32 -24.35
CA SER U 33 23.36 11.39 -24.62
C SER U 33 22.80 12.43 -25.60
N LYS U 34 21.97 11.98 -26.54
CA LYS U 34 21.39 12.91 -27.49
C LYS U 34 20.37 13.77 -26.79
N VAL U 35 19.60 13.19 -25.88
CA VAL U 35 18.61 13.98 -25.14
C VAL U 35 19.34 15.04 -24.28
N LEU U 36 20.55 14.72 -23.81
CA LEU U 36 21.33 15.66 -23.00
C LEU U 36 21.79 16.80 -23.92
N ASP U 37 22.23 16.48 -25.13
CA ASP U 37 22.67 17.49 -26.09
C ASP U 37 21.53 18.48 -26.38
N LEU U 38 20.32 17.96 -26.54
CA LEU U 38 19.19 18.83 -26.79
C LEU U 38 18.99 19.77 -25.61
N LYS U 39 19.01 19.22 -24.40
CA LYS U 39 18.83 20.04 -23.21
C LYS U 39 19.93 21.11 -23.10
N ASN U 40 21.17 20.73 -23.35
CA ASN U 40 22.26 21.71 -23.26
C ASN U 40 22.16 22.76 -24.38
N TYR U 41 21.68 22.35 -25.55
CA TYR U 41 21.54 23.29 -26.65
C TYR U 41 20.53 24.37 -26.24
N ILE U 42 19.37 23.93 -25.77
CA ILE U 42 18.33 24.85 -25.34
C ILE U 42 18.83 25.77 -24.21
N ASP U 43 19.46 25.18 -23.21
CA ASP U 43 19.96 25.94 -22.06
C ASP U 43 21.09 26.93 -22.35
N LYS U 44 22.20 26.42 -22.89
CA LYS U 44 23.36 27.27 -23.14
C LYS U 44 23.44 28.05 -24.46
N GLN U 45 22.66 27.64 -25.46
CA GLN U 45 22.71 28.31 -26.75
C GLN U 45 21.44 29.14 -27.02
N LEU U 46 20.31 28.46 -27.06
CA LEU U 46 19.02 29.08 -27.35
C LEU U 46 18.51 30.12 -26.36
N LEU U 47 18.39 29.75 -25.08
CA LEU U 47 17.87 30.69 -24.08
C LEU U 47 18.59 32.05 -24.02
N PRO U 48 19.94 32.05 -24.01
CA PRO U 48 20.69 33.30 -23.95
C PRO U 48 20.22 34.36 -24.95
N ILE U 49 19.66 33.91 -26.06
CA ILE U 49 19.20 34.82 -27.10
C ILE U 49 17.71 35.12 -27.00
N VAL U 50 16.92 34.12 -26.61
CA VAL U 50 15.48 34.28 -26.48
C VAL U 50 15.16 35.44 -25.55
N ASN U 51 16.18 35.94 -24.86
CA ASN U 51 16.00 37.04 -23.93
C ASN U 51 16.75 38.31 -24.39
N LYS U 52 16.27 38.93 -25.46
CA LYS U 52 16.87 40.15 -25.99
C LYS U 52 15.87 41.00 -26.72
N PRO V 4 24.28 33.96 -36.03
CA PRO V 4 23.52 32.85 -36.61
C PRO V 4 23.65 31.57 -35.77
N LEU V 5 22.56 31.17 -35.12
CA LEU V 5 22.55 29.95 -34.33
C LEU V 5 22.57 28.79 -35.31
N VAL V 6 23.28 27.72 -34.98
CA VAL V 6 23.36 26.58 -35.87
C VAL V 6 23.40 25.29 -35.07
N PHE V 7 22.35 24.49 -35.21
CA PHE V 7 22.28 23.22 -34.50
C PHE V 7 23.21 22.17 -35.11
N PRO V 8 23.84 21.33 -34.29
CA PRO V 8 24.75 20.28 -34.77
C PRO V 8 23.90 19.14 -35.37
N SER V 9 23.08 19.50 -36.34
CA SER V 9 22.12 18.62 -37.03
C SER V 9 22.55 17.30 -37.74
N ASP V 10 23.74 17.29 -38.32
CA ASP V 10 24.26 16.13 -39.05
C ASP V 10 24.80 15.04 -38.11
N GLU V 11 25.36 15.43 -36.97
CA GLU V 11 25.87 14.45 -36.00
C GLU V 11 24.69 13.87 -35.22
N PHE V 12 23.69 14.68 -34.94
CA PHE V 12 22.52 14.25 -34.20
C PHE V 12 21.77 13.18 -34.99
N ASP V 13 21.60 13.44 -36.30
CA ASP V 13 20.92 12.51 -37.19
C ASP V 13 21.68 11.20 -37.31
N ALA V 14 23.00 11.29 -37.44
CA ALA V 14 23.80 10.09 -37.55
C ALA V 14 23.62 9.23 -36.30
N SER V 15 23.60 9.88 -35.14
CA SER V 15 23.42 9.20 -33.85
C SER V 15 22.04 8.55 -33.70
N ILE V 16 21.00 9.24 -34.14
CA ILE V 16 19.66 8.69 -34.04
C ILE V 16 19.60 7.40 -34.84
N SER V 17 20.21 7.44 -36.01
CA SER V 17 20.27 6.30 -36.91
C SER V 17 21.03 5.15 -36.25
N GLN V 18 22.06 5.48 -35.48
CA GLN V 18 22.85 4.46 -34.79
C GLN V 18 21.99 3.82 -33.70
N VAL V 19 21.00 4.54 -33.21
CA VAL V 19 20.09 4.02 -32.19
C VAL V 19 19.16 3.00 -32.82
N ASN V 20 18.52 3.40 -33.93
CA ASN V 20 17.60 2.51 -34.64
C ASN V 20 18.31 1.22 -35.07
N GLU V 21 19.54 1.35 -35.54
CA GLU V 21 20.30 0.18 -35.95
C GLU V 21 20.51 -0.74 -34.74
N LYS V 22 20.71 -0.15 -33.56
CA LYS V 22 20.90 -0.95 -32.36
C LYS V 22 19.60 -1.65 -31.95
N ILE V 23 18.48 -0.94 -32.07
CA ILE V 23 17.21 -1.52 -31.72
C ILE V 23 16.94 -2.69 -32.66
N ASN V 24 17.17 -2.46 -33.96
CA ASN V 24 16.97 -3.50 -34.97
C ASN V 24 17.86 -4.71 -34.70
N GLN V 25 19.07 -4.43 -34.24
CA GLN V 25 20.03 -5.49 -33.94
C GLN V 25 19.49 -6.29 -32.76
N SER V 26 18.82 -5.58 -31.84
CA SER V 26 18.24 -6.20 -30.67
C SER V 26 17.12 -7.16 -31.06
N LEU V 27 16.23 -6.68 -31.92
CA LEU V 27 15.10 -7.48 -32.37
C LEU V 27 15.55 -8.72 -33.14
N ALA V 28 16.62 -8.57 -33.91
CA ALA V 28 17.16 -9.69 -34.68
C ALA V 28 17.65 -10.77 -33.73
N PHE V 29 18.28 -10.34 -32.64
CA PHE V 29 18.80 -11.27 -31.63
C PHE V 29 17.64 -11.99 -30.92
N ILE V 30 16.53 -11.31 -30.71
CA ILE V 30 15.41 -11.96 -30.05
C ILE V 30 14.78 -12.92 -31.04
N ARG V 31 14.71 -12.50 -32.30
CA ARG V 31 14.14 -13.33 -33.36
C ARG V 31 14.86 -14.67 -33.43
N LYS V 32 16.17 -14.63 -33.23
CA LYS V 32 17.00 -15.83 -33.25
C LYS V 32 16.71 -16.68 -32.01
N SER V 33 16.55 -16.03 -30.87
CA SER V 33 16.27 -16.76 -29.63
C SER V 33 14.90 -17.43 -29.70
N ASP V 34 13.91 -16.73 -30.25
CA ASP V 34 12.58 -17.32 -30.36
C ASP V 34 12.68 -18.56 -31.24
N GLU V 35 13.24 -18.38 -32.43
CA GLU V 35 13.40 -19.47 -33.40
C GLU V 35 14.02 -20.73 -32.78
N LEU V 36 14.89 -20.55 -31.79
CA LEU V 36 15.52 -21.70 -31.16
C LEU V 36 14.61 -22.35 -30.13
N LEU V 37 13.86 -21.52 -29.39
CA LEU V 37 12.97 -22.05 -28.36
C LEU V 37 11.73 -22.75 -28.93
N HIS V 38 11.46 -22.52 -30.22
CA HIS V 38 10.31 -23.15 -30.84
C HIS V 38 10.64 -24.55 -31.32
N ASN V 39 11.86 -24.98 -30.99
CA ASN V 39 12.35 -26.31 -31.34
C ASN V 39 12.55 -27.17 -30.10
N VAL V 40 12.64 -26.53 -28.94
CA VAL V 40 12.88 -27.28 -27.71
C VAL V 40 11.80 -28.29 -27.32
N ASN V 41 12.21 -29.57 -27.34
CA ASN V 41 11.35 -30.71 -27.01
C ASN V 41 10.37 -30.99 -28.15
N LEU W 3 22.76 -32.37 -15.01
CA LEU W 3 21.66 -31.63 -15.69
C LEU W 3 20.84 -30.95 -14.61
N GLU W 4 21.01 -31.41 -13.38
CA GLU W 4 20.29 -30.82 -12.27
C GLU W 4 20.95 -29.49 -11.90
N GLY W 5 22.28 -29.47 -11.88
CA GLY W 5 22.97 -28.23 -11.54
C GLY W 5 23.01 -27.28 -12.71
N GLU W 6 22.86 -27.82 -13.92
CA GLU W 6 22.89 -27.02 -15.13
C GLU W 6 21.57 -26.28 -15.27
N VAL W 7 20.47 -27.03 -15.20
CA VAL W 7 19.14 -26.43 -15.30
C VAL W 7 18.96 -25.46 -14.14
N ASN W 8 19.85 -25.57 -13.15
CA ASN W 8 19.81 -24.70 -12.00
C ASN W 8 20.59 -23.43 -12.37
N LYS W 9 21.65 -23.61 -13.15
CA LYS W 9 22.49 -22.49 -13.60
C LYS W 9 21.66 -21.58 -14.51
N ILE W 10 21.05 -22.19 -15.52
CA ILE W 10 20.23 -21.46 -16.48
C ILE W 10 19.09 -20.72 -15.80
N LYS W 11 18.55 -21.30 -14.73
CA LYS W 11 17.47 -20.65 -14.01
C LYS W 11 18.00 -19.38 -13.38
N SER W 12 19.17 -19.47 -12.77
CA SER W 12 19.78 -18.31 -12.13
C SER W 12 20.13 -17.25 -13.18
N ALA W 13 20.60 -17.70 -14.34
CA ALA W 13 20.98 -16.80 -15.42
C ALA W 13 19.78 -15.97 -15.84
N LEU W 14 18.69 -16.66 -16.19
CA LEU W 14 17.45 -15.99 -16.61
C LEU W 14 16.97 -14.98 -15.56
N LEU W 15 17.14 -15.31 -14.29
CA LEU W 15 16.72 -14.40 -13.22
C LEU W 15 17.57 -13.13 -13.27
N SER W 16 18.87 -13.29 -13.56
CA SER W 16 19.79 -12.15 -13.65
C SER W 16 19.38 -11.36 -14.90
N THR W 17 19.03 -12.09 -15.95
CA THR W 17 18.61 -11.47 -17.21
C THR W 17 17.32 -10.70 -17.03
N ASN W 18 16.38 -11.25 -16.26
CA ASN W 18 15.11 -10.56 -16.04
C ASN W 18 15.34 -9.25 -15.29
N LYS W 19 16.30 -9.24 -14.37
CA LYS W 19 16.63 -8.05 -13.59
C LYS W 19 17.22 -6.99 -14.53
N ALA W 20 18.12 -7.42 -15.41
CA ALA W 20 18.75 -6.53 -16.38
C ALA W 20 17.65 -5.79 -17.13
N VAL W 21 16.64 -6.54 -17.57
CA VAL W 21 15.51 -5.98 -18.30
C VAL W 21 14.70 -5.03 -17.44
N VAL W 22 14.56 -5.35 -16.15
CA VAL W 22 13.81 -4.45 -15.26
C VAL W 22 14.58 -3.13 -15.16
N SER W 23 15.89 -3.25 -14.92
CA SER W 23 16.78 -2.11 -14.79
C SER W 23 16.77 -1.16 -15.99
N LEU W 24 16.86 -1.74 -17.19
CA LEU W 24 16.86 -0.93 -18.40
C LEU W 24 15.51 -0.24 -18.57
N SER W 25 14.43 -0.96 -18.28
CA SER W 25 13.09 -0.39 -18.39
C SER W 25 12.93 0.82 -17.48
N ASN W 26 13.45 0.74 -16.26
CA ASN W 26 13.35 1.87 -15.33
C ASN W 26 14.14 3.02 -15.91
N GLY W 27 15.29 2.70 -16.50
CA GLY W 27 16.11 3.72 -17.12
C GLY W 27 15.39 4.41 -18.26
N VAL W 28 14.77 3.62 -19.14
CA VAL W 28 14.03 4.18 -20.28
C VAL W 28 12.84 4.99 -19.78
N SER W 29 12.23 4.51 -18.69
CA SER W 29 11.09 5.22 -18.13
C SER W 29 11.47 6.64 -17.70
N VAL W 30 12.65 6.80 -17.14
CA VAL W 30 13.14 8.13 -16.69
C VAL W 30 13.47 9.01 -17.89
N LEU W 31 14.13 8.42 -18.89
CA LEU W 31 14.50 9.14 -20.10
C LEU W 31 13.25 9.69 -20.80
N THR W 32 12.20 8.87 -20.82
CA THR W 32 10.91 9.22 -21.45
C THR W 32 10.31 10.47 -20.82
N SER W 33 10.36 10.53 -19.49
CA SER W 33 9.82 11.68 -18.78
C SER W 33 10.66 12.92 -19.12
N LYS W 34 11.96 12.75 -19.26
CA LYS W 34 12.83 13.87 -19.59
C LYS W 34 12.54 14.37 -21.01
N VAL W 35 12.26 13.44 -21.91
CA VAL W 35 11.94 13.79 -23.28
C VAL W 35 10.68 14.64 -23.25
N LEU W 36 9.69 14.22 -22.47
CA LEU W 36 8.45 14.96 -22.37
C LEU W 36 8.69 16.34 -21.76
N ASP W 37 9.62 16.42 -20.81
CA ASP W 37 9.94 17.70 -20.17
C ASP W 37 10.50 18.67 -21.20
N LEU W 38 11.34 18.17 -22.09
CA LEU W 38 11.92 19.01 -23.13
C LEU W 38 10.79 19.53 -24.02
N LYS W 39 9.92 18.63 -24.47
CA LYS W 39 8.81 19.02 -25.32
C LYS W 39 7.93 20.06 -24.66
N ASN W 40 7.62 19.88 -23.38
CA ASN W 40 6.78 20.84 -22.68
C ASN W 40 7.48 22.18 -22.46
N TYR W 41 8.80 22.14 -22.29
CA TYR W 41 9.52 23.39 -22.08
C TYR W 41 9.40 24.23 -23.34
N ILE W 42 9.76 23.63 -24.48
CA ILE W 42 9.69 24.32 -25.76
C ILE W 42 8.30 24.86 -26.01
N ASP W 43 7.30 23.99 -25.84
CA ASP W 43 5.90 24.34 -26.06
C ASP W 43 5.32 25.40 -25.11
N LYS W 44 5.48 25.19 -23.81
CA LYS W 44 4.91 26.09 -22.82
C LYS W 44 5.77 27.27 -22.35
N GLN W 45 7.09 27.17 -22.44
CA GLN W 45 7.94 28.25 -21.99
C GLN W 45 8.64 29.03 -23.10
N LEU W 46 9.30 28.31 -23.99
CA LEU W 46 10.05 28.91 -25.08
C LEU W 46 9.21 29.59 -26.17
N LEU W 47 8.35 28.82 -26.83
CA LEU W 47 7.52 29.36 -27.89
C LEU W 47 6.79 30.66 -27.57
N PRO W 48 6.08 30.71 -26.43
CA PRO W 48 5.37 31.95 -26.09
C PRO W 48 6.22 33.21 -26.27
N ILE W 49 7.44 33.18 -25.74
CA ILE W 49 8.36 34.31 -25.81
C ILE W 49 9.01 34.51 -27.18
N VAL W 50 9.02 33.46 -27.99
CA VAL W 50 9.63 33.55 -29.32
C VAL W 50 8.70 34.27 -30.29
N ASN W 51 7.59 34.79 -29.78
CA ASN W 51 6.64 35.46 -30.65
C ASN W 51 6.40 36.94 -30.37
N LYS W 52 6.37 37.31 -29.09
CA LYS W 52 6.13 38.71 -28.73
C LYS W 52 7.27 39.64 -29.18
N PRO X 4 12.92 35.96 -16.65
CA PRO X 4 14.15 35.15 -16.80
C PRO X 4 13.79 33.70 -17.13
N LEU X 5 14.09 33.26 -18.36
CA LEU X 5 13.81 31.89 -18.72
C LEU X 5 14.80 31.01 -17.98
N VAL X 6 14.29 30.24 -17.04
CA VAL X 6 15.13 29.38 -16.22
C VAL X 6 14.87 27.90 -16.48
N PHE X 7 15.79 27.25 -17.20
CA PHE X 7 15.64 25.84 -17.50
C PHE X 7 15.94 24.99 -16.26
N PRO X 8 15.07 24.01 -15.96
CA PRO X 8 15.22 23.10 -14.81
C PRO X 8 16.38 22.14 -15.03
N SER X 9 17.59 22.67 -15.05
CA SER X 9 18.83 21.94 -15.29
C SER X 9 19.36 20.97 -14.21
N ASP X 10 19.23 21.36 -12.95
CA ASP X 10 19.72 20.49 -11.86
C ASP X 10 18.94 19.18 -11.84
N GLU X 11 17.61 19.28 -11.92
CA GLU X 11 16.82 18.08 -11.90
C GLU X 11 17.13 17.25 -13.13
N PHE X 12 17.11 17.88 -14.29
CA PHE X 12 17.38 17.21 -15.55
C PHE X 12 18.69 16.43 -15.57
N ASP X 13 19.76 17.09 -15.11
CA ASP X 13 21.07 16.46 -15.08
C ASP X 13 21.11 15.25 -14.16
N ALA X 14 20.35 15.30 -13.07
CA ALA X 14 20.29 14.20 -12.11
C ALA X 14 19.51 13.03 -12.71
N SER X 15 18.40 13.33 -13.37
CA SER X 15 17.63 12.25 -14.00
C SER X 15 18.51 11.56 -15.04
N ILE X 16 19.14 12.34 -15.91
CA ILE X 16 20.00 11.75 -16.92
C ILE X 16 21.09 10.88 -16.30
N SER X 17 21.65 11.31 -15.17
CA SER X 17 22.68 10.52 -14.48
C SER X 17 22.08 9.20 -14.00
N GLN X 18 20.85 9.25 -13.52
CA GLN X 18 20.15 8.04 -13.08
C GLN X 18 20.00 7.08 -14.27
N VAL X 19 19.51 7.60 -15.39
CA VAL X 19 19.33 6.79 -16.60
C VAL X 19 20.61 6.03 -16.87
N ASN X 20 21.72 6.76 -16.87
CA ASN X 20 23.00 6.13 -17.14
C ASN X 20 23.44 5.10 -16.10
N GLU X 21 22.97 5.26 -14.86
CA GLU X 21 23.32 4.30 -13.80
C GLU X 21 22.45 3.04 -13.96
N LYS X 22 21.21 3.23 -14.41
CA LYS X 22 20.31 2.10 -14.65
C LYS X 22 20.91 1.23 -15.75
N ILE X 23 21.43 1.88 -16.78
CA ILE X 23 22.03 1.15 -17.89
C ILE X 23 23.24 0.35 -17.43
N ASN X 24 24.07 0.92 -16.57
CA ASN X 24 25.21 0.14 -16.11
C ASN X 24 24.70 -1.00 -15.24
N GLN X 25 23.65 -0.77 -14.46
CA GLN X 25 23.12 -1.84 -13.63
C GLN X 25 22.60 -3.00 -14.50
N SER X 26 21.90 -2.69 -15.59
CA SER X 26 21.39 -3.72 -16.49
C SER X 26 22.51 -4.57 -17.05
N LEU X 27 23.54 -3.90 -17.56
CA LEU X 27 24.69 -4.56 -18.16
C LEU X 27 25.44 -5.40 -17.14
N ALA X 28 25.44 -4.96 -15.89
CA ALA X 28 26.11 -5.73 -14.83
C ALA X 28 25.31 -7.04 -14.67
N PHE X 29 23.99 -6.94 -14.57
CA PHE X 29 23.14 -8.12 -14.43
C PHE X 29 23.33 -9.04 -15.64
N ILE X 30 23.42 -8.48 -16.85
CA ILE X 30 23.63 -9.33 -18.02
C ILE X 30 25.00 -9.99 -17.96
N ARG X 31 25.96 -9.30 -17.38
CA ARG X 31 27.32 -9.84 -17.24
C ARG X 31 27.27 -11.08 -16.35
N LYS X 32 26.47 -11.03 -15.29
CA LYS X 32 26.34 -12.14 -14.35
C LYS X 32 25.63 -13.31 -15.02
N SER X 33 24.61 -13.00 -15.80
CA SER X 33 23.88 -14.03 -16.53
C SER X 33 24.87 -14.79 -17.43
N ASP X 34 25.63 -14.05 -18.25
CA ASP X 34 26.60 -14.68 -19.15
C ASP X 34 27.67 -15.50 -18.44
N GLU X 35 28.15 -15.03 -17.29
CA GLU X 35 29.16 -15.80 -16.56
C GLU X 35 28.57 -17.17 -16.19
N LEU X 36 27.41 -17.19 -15.56
CA LEU X 36 26.76 -18.43 -15.17
C LEU X 36 26.63 -19.38 -16.35
N LEU X 37 26.10 -18.88 -17.46
CA LEU X 37 25.93 -19.71 -18.66
C LEU X 37 27.23 -20.32 -19.16
N HIS X 38 28.31 -19.57 -19.10
CA HIS X 38 29.58 -20.09 -19.58
C HIS X 38 30.13 -21.17 -18.65
N ASN X 39 29.59 -21.24 -17.44
CA ASN X 39 30.01 -22.23 -16.45
C ASN X 39 28.99 -23.38 -16.43
N VAL X 40 27.96 -23.26 -17.27
CA VAL X 40 26.92 -24.29 -17.32
C VAL X 40 27.47 -25.64 -17.77
N ASN X 41 27.00 -26.16 -18.88
CA ASN X 41 27.46 -27.45 -19.36
C ASN X 41 28.89 -27.39 -19.88
#